data_6N56
#
_entry.id   6N56
#
_cell.length_a   63.890
_cell.length_b   63.890
_cell.length_c   354.530
_cell.angle_alpha   90.000
_cell.angle_beta   90.000
_cell.angle_gamma   90.000
#
_symmetry.space_group_name_H-M   'P 41 21 2'
#
loop_
_entity.id
_entity.type
_entity.pdbx_description
1 polymer 'Fumarate reductase, flavo protein subunit'
2 water water
#
_entity_poly.entity_id   1
_entity_poly.type   'polypeptide(L)'
_entity_poly.pdbx_seq_one_letter_code
;MAHHHHHHMKITYCDALIIGGGLAGLRASIACKQKGLNTIVLSLVPVRRSHSAAAQGGMQASLANAKKSEGDNEDLHFLD
TVKGSDWGCDQQVARMFVTTAPKAIRELASWGVPWTRIKKGDRPAVVNGEHVIITERDDRHGYILSRDFGGTKKWRTCFT
ADATGHTMLYAVANEALHHKVDIQDRKDMLAFIHHDNKCYGAVVRDLITGEISAYVSKGTLLATGGYGRVYKHTTNAVIC
DGAGAASALETGVAKLGNMEAVQFHPTALVPSGILMTEGCRGDGGVLRDKFGRRFMPAYEPEKKELASRDVVSRRILEHI
QKGYGAKSPYGDHVWLDIAILGRNHVEKNLRDVRDIAMTFAGIDPADSEEQTKDNMQGMPANEPEYGQAMAKQKGWIPIK
PMQHYSMGGVRTNPKGETHLKGLFCAGEAACWDLHGFNRLGGNSVSEAVVAGMIIGDYFASHCLEAQIEINTQKVEAFIK
ESQDYMHFLLHNEGKEDVYEIRERMKEVMDEKVGVFREGKKLEEALKELQELYARSKNICVKNKVLHNNPELEDAYRTKK
MLKLALCITQGALLRTESRGAHTRIDYPKRDDEKWLNRTLASWPSTEQDMPTIEYEELDVMKMEISPDFRGYGKKGNFIP
HPKKEERDAEILKTILELEKLGKDRIEVQHALMPFELQEKYKARNMRLEDEEVRARGEHLYSFNVHDLLDQHNANLKGEH
HE
;
_entity_poly.pdbx_strand_id   A
#
# COMPACT_ATOMS: atom_id res chain seq x y z
N MET A 9 34.71 0.58 -14.96
CA MET A 9 33.27 0.29 -15.04
C MET A 9 32.92 -1.09 -14.48
N LYS A 10 32.52 -1.13 -13.21
CA LYS A 10 32.29 -2.40 -12.53
C LYS A 10 30.93 -2.95 -12.90
N ILE A 11 30.91 -4.17 -13.41
CA ILE A 11 29.69 -4.91 -13.73
C ILE A 11 29.70 -6.19 -12.90
N THR A 12 28.64 -6.40 -12.14
CA THR A 12 28.42 -7.64 -11.41
C THR A 12 27.28 -8.40 -12.08
N TYR A 13 27.51 -9.68 -12.41
CA TYR A 13 26.49 -10.52 -13.02
C TYR A 13 25.88 -11.44 -11.97
N CYS A 14 24.58 -11.68 -12.08
CA CYS A 14 23.88 -12.63 -11.22
C CYS A 14 22.66 -13.15 -11.96
N ASP A 15 21.99 -14.15 -11.37
CA ASP A 15 20.77 -14.64 -12.00
C ASP A 15 19.58 -13.76 -11.62
N ALA A 16 19.39 -13.52 -10.32
CA ALA A 16 18.20 -12.87 -9.80
C ALA A 16 18.62 -11.67 -8.99
N LEU A 17 18.16 -10.50 -9.41
CA LEU A 17 18.50 -9.22 -8.79
C LEU A 17 17.26 -8.66 -8.11
N ILE A 18 17.39 -8.32 -6.83
CA ILE A 18 16.27 -7.81 -6.06
C ILE A 18 16.67 -6.46 -5.48
N ILE A 19 15.79 -5.47 -5.63
CA ILE A 19 15.98 -4.13 -5.13
C ILE A 19 14.99 -3.88 -4.00
N GLY A 20 15.51 -3.69 -2.80
CA GLY A 20 14.68 -3.52 -1.62
C GLY A 20 14.90 -4.66 -0.66
N GLY A 21 15.35 -4.33 0.55
CA GLY A 21 15.70 -5.33 1.53
C GLY A 21 14.68 -5.48 2.63
N GLY A 22 13.41 -5.14 2.37
CA GLY A 22 12.34 -5.39 3.30
C GLY A 22 11.83 -6.84 3.23
N LEU A 23 10.66 -7.04 3.86
CA LEU A 23 10.10 -8.39 3.99
C LEU A 23 9.87 -9.03 2.64
N ALA A 24 9.28 -8.26 1.71
CA ALA A 24 8.98 -8.81 0.39
C ALA A 24 10.25 -9.15 -0.38
N GLY A 25 11.26 -8.28 -0.35
CA GLY A 25 12.46 -8.55 -1.11
C GLY A 25 13.23 -9.74 -0.53
N LEU A 26 13.38 -9.76 0.79
CA LEU A 26 14.09 -10.86 1.45
C LEU A 26 13.32 -12.18 1.31
N ARG A 27 11.99 -12.15 1.50
CA ARG A 27 11.23 -13.40 1.33
C ARG A 27 11.36 -13.91 -0.09
N ALA A 28 11.28 -13.01 -1.07
CA ALA A 28 11.48 -13.43 -2.45
C ALA A 28 12.90 -13.95 -2.69
N SER A 29 13.89 -13.40 -1.98
CA SER A 29 15.25 -13.86 -2.22
C SER A 29 15.42 -15.31 -1.75
N ILE A 30 14.68 -15.71 -0.71
CA ILE A 30 14.73 -17.10 -0.27
C ILE A 30 14.15 -18.02 -1.34
N ALA A 31 13.07 -17.58 -2.00
CA ALA A 31 12.51 -18.40 -3.07
C ALA A 31 13.48 -18.54 -4.24
N CYS A 32 14.27 -17.50 -4.51
CA CYS A 32 15.26 -17.63 -5.58
C CYS A 32 16.35 -18.64 -5.20
N LYS A 33 16.85 -18.57 -3.96
CA LYS A 33 17.94 -19.47 -3.61
C LYS A 33 17.44 -20.91 -3.49
N GLN A 34 16.16 -21.10 -3.18
CA GLN A 34 15.61 -22.46 -3.15
C GLN A 34 15.60 -23.08 -4.54
N LYS A 35 15.63 -22.27 -5.60
CA LYS A 35 15.73 -22.77 -6.95
C LYS A 35 17.15 -22.71 -7.49
N GLY A 36 18.15 -22.46 -6.64
CA GLY A 36 19.52 -22.51 -7.06
C GLY A 36 20.00 -21.29 -7.80
N LEU A 37 19.40 -20.14 -7.56
CA LEU A 37 19.75 -18.93 -8.29
C LEU A 37 20.82 -18.14 -7.56
N ASN A 38 21.77 -17.58 -8.31
CA ASN A 38 22.68 -16.58 -7.77
C ASN A 38 21.90 -15.29 -7.57
N THR A 39 21.67 -14.92 -6.31
CA THR A 39 20.66 -13.93 -5.94
C THR A 39 21.29 -12.82 -5.13
N ILE A 40 21.08 -11.58 -5.56
CA ILE A 40 21.66 -10.41 -4.91
C ILE A 40 20.54 -9.47 -4.51
N VAL A 41 20.51 -9.09 -3.23
CA VAL A 41 19.55 -8.14 -2.70
C VAL A 41 20.26 -6.82 -2.43
N LEU A 42 19.87 -5.78 -3.14
CA LEU A 42 20.38 -4.43 -2.92
C LEU A 42 19.46 -3.73 -1.93
N SER A 43 19.82 -3.78 -0.66
CA SER A 43 19.03 -3.16 0.39
C SER A 43 19.44 -1.72 0.57
N LEU A 44 18.47 -0.89 0.95
CA LEU A 44 18.73 0.52 1.24
C LEU A 44 18.93 0.79 2.72
N VAL A 45 18.57 -0.15 3.58
CA VAL A 45 18.87 -0.07 5.00
C VAL A 45 19.70 -1.29 5.39
N PRO A 46 20.64 -1.17 6.32
CA PRO A 46 21.45 -2.34 6.71
C PRO A 46 20.67 -3.32 7.58
N VAL A 47 21.16 -4.56 7.58
CA VAL A 47 20.56 -5.61 8.39
C VAL A 47 21.01 -5.44 9.84
N ARG A 48 20.12 -5.81 10.76
CA ARG A 48 20.38 -5.68 12.19
C ARG A 48 21.41 -6.68 12.70
N GLY A 71 -7.48 -17.18 12.70
CA GLY A 71 -7.94 -16.11 11.83
C GLY A 71 -9.33 -16.38 11.25
N ASP A 72 -9.81 -15.44 10.43
CA ASP A 72 -11.06 -15.62 9.69
C ASP A 72 -10.87 -16.63 8.56
N ASN A 73 -11.91 -17.43 8.29
CA ASN A 73 -11.84 -18.34 7.16
C ASN A 73 -11.68 -17.57 5.85
N GLU A 74 -11.20 -18.27 4.82
CA GLU A 74 -10.64 -17.55 3.66
C GLU A 74 -11.72 -16.91 2.81
N ASP A 75 -12.91 -17.50 2.74
CA ASP A 75 -14.00 -16.86 2.00
C ASP A 75 -14.37 -15.53 2.64
N LEU A 76 -14.43 -15.48 3.97
CA LEU A 76 -14.72 -14.21 4.65
C LEU A 76 -13.56 -13.24 4.48
N HIS A 77 -12.34 -13.75 4.57
CA HIS A 77 -11.16 -12.93 4.31
C HIS A 77 -11.21 -12.34 2.90
N PHE A 78 -11.58 -13.15 1.90
CA PHE A 78 -11.69 -12.65 0.53
C PHE A 78 -12.78 -11.59 0.41
N LEU A 79 -13.96 -11.89 0.94
CA LEU A 79 -15.06 -10.91 0.94
C LEU A 79 -14.64 -9.60 1.59
N ASP A 80 -13.99 -9.67 2.76
CA ASP A 80 -13.54 -8.45 3.44
C ASP A 80 -12.50 -7.70 2.61
N THR A 81 -11.63 -8.44 1.93
CA THR A 81 -10.64 -7.78 1.09
C THR A 81 -11.30 -7.08 -0.08
N VAL A 82 -12.28 -7.73 -0.74
CA VAL A 82 -12.90 -7.15 -1.92
C VAL A 82 -13.72 -5.92 -1.55
N LYS A 83 -14.59 -6.05 -0.54
CA LYS A 83 -15.30 -4.89 -0.01
C LYS A 83 -14.33 -3.80 0.43
N GLY A 84 -13.25 -4.20 1.12
CA GLY A 84 -12.30 -3.22 1.60
C GLY A 84 -11.66 -2.43 0.48
N SER A 85 -11.43 -3.07 -0.67
CA SER A 85 -10.88 -2.43 -1.86
C SER A 85 -11.89 -1.54 -2.56
N ASP A 86 -13.13 -1.49 -2.06
CA ASP A 86 -14.23 -0.84 -2.74
C ASP A 86 -14.36 -1.32 -4.19
N TRP A 87 -14.15 -2.62 -4.37
CA TRP A 87 -14.20 -3.33 -5.66
C TRP A 87 -13.17 -2.83 -6.67
N GLY A 88 -12.13 -2.12 -6.25
CA GLY A 88 -11.06 -1.78 -7.17
C GLY A 88 -9.99 -2.85 -7.39
N CYS A 89 -9.93 -3.87 -6.54
CA CYS A 89 -8.86 -4.87 -6.63
C CYS A 89 -9.07 -5.81 -7.82
N ASP A 90 -8.02 -6.53 -8.20
CA ASP A 90 -8.15 -7.71 -9.04
C ASP A 90 -8.59 -8.86 -8.15
N GLN A 91 -9.81 -9.36 -8.38
CA GLN A 91 -10.35 -10.36 -7.46
C GLN A 91 -9.57 -11.67 -7.51
N GLN A 92 -8.97 -12.02 -8.66
CA GLN A 92 -8.10 -13.19 -8.70
C GLN A 92 -6.91 -13.04 -7.75
N VAL A 93 -6.35 -11.83 -7.67
CA VAL A 93 -5.19 -11.61 -6.80
C VAL A 93 -5.61 -11.68 -5.34
N ALA A 94 -6.80 -11.16 -5.03
CA ALA A 94 -7.31 -11.27 -3.67
C ALA A 94 -7.46 -12.72 -3.27
N ARG A 95 -7.88 -13.58 -4.21
CA ARG A 95 -7.98 -15.01 -3.93
C ARG A 95 -6.61 -15.63 -3.75
N MET A 96 -5.65 -15.26 -4.62
CA MET A 96 -4.29 -15.74 -4.44
C MET A 96 -3.77 -15.38 -3.06
N PHE A 97 -3.99 -14.14 -2.64
CA PHE A 97 -3.52 -13.71 -1.34
C PHE A 97 -4.15 -14.52 -0.21
N VAL A 98 -5.49 -14.55 -0.16
CA VAL A 98 -6.10 -15.16 1.02
C VAL A 98 -5.87 -16.66 1.06
N THR A 99 -5.66 -17.30 -0.10
CA THR A 99 -5.40 -18.74 -0.10
C THR A 99 -4.01 -19.05 0.43
N THR A 100 -3.06 -18.15 0.21
CA THR A 100 -1.68 -18.33 0.62
C THR A 100 -1.42 -17.83 2.05
N ALA A 101 -2.16 -16.81 2.51
CA ALA A 101 -1.89 -16.21 3.81
C ALA A 101 -1.71 -17.21 4.94
N PRO A 102 -2.59 -18.19 5.15
CA PRO A 102 -2.38 -19.09 6.30
C PRO A 102 -1.07 -19.84 6.23
N LYS A 103 -0.57 -20.11 5.02
CA LYS A 103 0.71 -20.78 4.90
C LYS A 103 1.85 -19.85 5.31
N ALA A 104 1.75 -18.54 4.99
CA ALA A 104 2.75 -17.59 5.46
C ALA A 104 2.85 -17.60 6.97
N ILE A 105 1.70 -17.61 7.66
CA ILE A 105 1.70 -17.63 9.11
C ILE A 105 2.38 -18.89 9.63
N ARG A 106 2.06 -20.04 9.05
CA ARG A 106 2.68 -21.28 9.50
C ARG A 106 4.18 -21.28 9.22
N GLU A 107 4.60 -20.72 8.08
CA GLU A 107 6.03 -20.72 7.75
C GLU A 107 6.78 -19.76 8.66
N LEU A 108 6.24 -18.55 8.88
CA LEU A 108 6.84 -17.59 9.80
C LEU A 108 7.02 -18.19 11.19
N ALA A 109 5.99 -18.85 11.73
CA ALA A 109 6.07 -19.43 13.06
C ALA A 109 7.11 -20.55 13.12
N SER A 110 7.28 -21.29 12.02
CA SER A 110 8.33 -22.29 11.97
C SER A 110 9.73 -21.66 11.91
N TRP A 111 9.82 -20.40 11.50
CA TRP A 111 11.09 -19.66 11.55
C TRP A 111 11.27 -18.90 12.86
N GLY A 112 10.43 -19.16 13.85
CA GLY A 112 10.61 -18.64 15.19
C GLY A 112 9.91 -17.32 15.49
N VAL A 113 9.00 -16.86 14.64
CA VAL A 113 8.25 -15.64 14.96
C VAL A 113 7.18 -15.98 15.99
N PRO A 114 7.13 -15.28 17.13
CA PRO A 114 6.36 -15.75 18.29
C PRO A 114 4.84 -15.80 18.11
N TRP A 115 4.30 -15.48 16.92
CA TRP A 115 2.87 -15.47 16.62
C TRP A 115 2.14 -14.31 17.31
N THR A 116 2.78 -13.69 18.31
CA THR A 116 2.30 -12.40 18.79
C THR A 116 2.73 -11.28 17.85
N ARG A 117 3.94 -11.38 17.29
CA ARG A 117 4.38 -10.47 16.24
C ARG A 117 3.78 -10.80 14.89
N ILE A 118 3.12 -11.95 14.75
CA ILE A 118 2.46 -12.35 13.49
C ILE A 118 1.15 -11.58 13.29
N THR A 167 10.93 -8.29 14.46
CA THR A 167 11.31 -9.68 14.63
C THR A 167 10.91 -10.47 13.40
N MET A 168 9.86 -10.03 12.73
CA MET A 168 9.51 -10.67 11.47
C MET A 168 10.60 -10.39 10.44
N LEU A 169 11.11 -9.16 10.41
CA LEU A 169 12.21 -8.82 9.50
C LEU A 169 13.47 -9.56 9.91
N TYR A 170 13.67 -9.77 11.21
CA TYR A 170 14.83 -10.53 11.65
C TYR A 170 14.71 -11.99 11.19
N ALA A 171 13.60 -12.64 11.52
CA ALA A 171 13.43 -14.04 11.15
C ALA A 171 13.61 -14.24 9.65
N VAL A 172 13.06 -13.33 8.85
CA VAL A 172 13.17 -13.48 7.40
C VAL A 172 14.59 -13.16 6.93
N ALA A 173 15.21 -12.11 7.49
CA ALA A 173 16.62 -11.85 7.19
C ALA A 173 17.49 -13.05 7.55
N ASN A 174 17.27 -13.62 8.74
CA ASN A 174 18.07 -14.76 9.18
C ASN A 174 17.93 -15.95 8.24
N GLU A 175 16.71 -16.21 7.75
CA GLU A 175 16.52 -17.29 6.78
C GLU A 175 17.25 -17.00 5.49
N ALA A 176 17.17 -15.75 5.00
CA ALA A 176 17.85 -15.39 3.77
C ALA A 176 19.36 -15.56 3.89
N LEU A 177 19.94 -15.24 5.07
CA LEU A 177 21.37 -15.47 5.26
C LEU A 177 21.68 -16.94 5.40
N HIS A 178 20.76 -17.70 5.98
CA HIS A 178 20.94 -19.14 6.04
C HIS A 178 21.06 -19.73 4.64
N HIS A 179 20.31 -19.20 3.68
CA HIS A 179 20.38 -19.62 2.28
C HIS A 179 21.51 -18.95 1.52
N LYS A 180 22.37 -18.19 2.20
CA LYS A 180 23.51 -17.47 1.59
C LYS A 180 23.05 -16.51 0.48
N VAL A 181 21.96 -15.78 0.75
CA VAL A 181 21.62 -14.64 -0.08
C VAL A 181 22.68 -13.57 0.08
N ASP A 182 23.12 -13.00 -1.04
CA ASP A 182 24.05 -11.89 -1.03
C ASP A 182 23.27 -10.60 -0.81
N ILE A 183 23.38 -10.02 0.39
CA ILE A 183 22.64 -8.82 0.75
C ILE A 183 23.63 -7.67 0.83
N GLN A 184 23.46 -6.68 -0.03
CA GLN A 184 24.28 -5.49 -0.04
C GLN A 184 23.46 -4.29 0.45
N ASP A 185 24.14 -3.37 1.10
CA ASP A 185 23.54 -2.09 1.44
C ASP A 185 24.41 -0.97 0.89
N ARG A 186 24.01 0.25 1.18
CA ARG A 186 24.62 1.46 0.64
C ARG A 186 24.77 1.45 -0.89
N LYS A 187 24.07 0.52 -1.57
CA LYS A 187 23.89 0.54 -3.01
C LYS A 187 22.49 1.06 -3.33
N ASP A 188 22.41 2.11 -4.15
CA ASP A 188 21.16 2.82 -4.43
C ASP A 188 20.91 2.78 -5.94
N MET A 189 19.74 2.26 -6.34
CA MET A 189 19.44 2.14 -7.76
C MET A 189 19.12 3.50 -8.36
N LEU A 190 19.74 3.82 -9.49
CA LEU A 190 19.43 5.04 -10.23
C LEU A 190 18.54 4.78 -11.43
N ALA A 191 18.66 3.62 -12.07
CA ALA A 191 17.96 3.37 -13.31
C ALA A 191 17.96 1.87 -13.57
N PHE A 192 16.90 1.40 -14.21
CA PHE A 192 16.86 0.03 -14.70
C PHE A 192 17.55 -0.08 -16.04
N ILE A 193 18.37 -1.13 -16.19
CA ILE A 193 18.91 -1.47 -17.50
C ILE A 193 17.85 -2.19 -18.30
N HIS A 194 17.62 -1.74 -19.53
CA HIS A 194 16.61 -2.37 -20.36
C HIS A 194 16.99 -2.23 -21.83
N HIS A 195 16.50 -3.16 -22.63
CA HIS A 195 16.72 -3.18 -24.07
C HIS A 195 15.70 -4.12 -24.70
N ASP A 196 15.13 -3.68 -25.82
CA ASP A 196 14.15 -4.48 -26.55
C ASP A 196 13.03 -4.93 -25.63
N ASN A 197 12.62 -4.03 -24.73
CA ASN A 197 11.52 -4.26 -23.78
C ASN A 197 11.80 -5.41 -22.82
N LYS A 198 13.06 -5.71 -22.59
CA LYS A 198 13.46 -6.67 -21.57
C LYS A 198 14.39 -5.98 -20.58
N CYS A 199 14.25 -6.32 -19.30
CA CYS A 199 15.06 -5.74 -18.24
C CYS A 199 16.23 -6.67 -17.94
N TYR A 200 17.42 -6.09 -17.83
CA TYR A 200 18.64 -6.87 -17.67
C TYR A 200 19.39 -6.48 -16.39
N GLY A 201 18.74 -5.76 -15.47
CA GLY A 201 19.32 -5.37 -14.21
C GLY A 201 19.17 -3.89 -13.90
N ALA A 202 20.14 -3.34 -13.15
CA ALA A 202 20.06 -1.97 -12.63
C ALA A 202 21.42 -1.27 -12.69
N VAL A 203 21.38 0.04 -12.92
CA VAL A 203 22.56 0.89 -12.68
C VAL A 203 22.42 1.48 -11.28
N VAL A 204 23.49 1.39 -10.50
CA VAL A 204 23.47 1.61 -9.07
C VAL A 204 24.56 2.60 -8.65
N ARG A 205 24.23 3.44 -7.67
CA ARG A 205 25.17 4.40 -7.10
C ARG A 205 25.52 3.98 -5.67
N ASP A 206 26.81 4.00 -5.35
CA ASP A 206 27.24 3.67 -3.99
C ASP A 206 27.08 4.89 -3.10
N LEU A 207 26.27 4.77 -2.04
CA LEU A 207 25.93 5.94 -1.24
C LEU A 207 27.12 6.51 -0.50
N ILE A 208 28.16 5.69 -0.30
CA ILE A 208 29.33 6.11 0.46
C ILE A 208 30.38 6.65 -0.49
N THR A 209 30.77 5.84 -1.47
CA THR A 209 31.81 6.25 -2.40
C THR A 209 31.29 7.04 -3.59
N GLY A 210 29.99 6.95 -3.89
CA GLY A 210 29.48 7.58 -5.08
C GLY A 210 29.80 6.86 -6.37
N GLU A 211 30.54 5.75 -6.29
CA GLU A 211 30.83 4.96 -7.48
C GLU A 211 29.53 4.47 -8.14
N ILE A 212 29.52 4.52 -9.47
CA ILE A 212 28.40 4.02 -10.27
C ILE A 212 28.80 2.67 -10.84
N SER A 213 27.95 1.66 -10.64
CA SER A 213 28.21 0.33 -11.15
C SER A 213 26.91 -0.25 -11.71
N ALA A 214 27.04 -1.36 -12.43
CA ALA A 214 25.89 -2.05 -12.99
C ALA A 214 25.79 -3.46 -12.42
N TYR A 215 24.56 -3.88 -12.18
CA TYR A 215 24.26 -5.26 -11.82
C TYR A 215 23.45 -5.88 -12.95
N VAL A 216 24.02 -6.90 -13.59
CA VAL A 216 23.41 -7.55 -14.74
C VAL A 216 22.80 -8.87 -14.30
N SER A 217 21.54 -9.11 -14.68
CA SER A 217 20.73 -10.19 -14.14
C SER A 217 19.76 -10.70 -15.20
N LYS A 218 19.34 -11.95 -15.05
CA LYS A 218 18.31 -12.50 -15.92
C LYS A 218 16.93 -11.93 -15.57
N GLY A 219 16.74 -11.52 -14.33
CA GLY A 219 15.48 -10.93 -13.92
C GLY A 219 15.72 -10.01 -12.75
N THR A 220 14.85 -9.01 -12.61
CA THR A 220 14.95 -8.01 -11.56
C THR A 220 13.59 -7.87 -10.87
N LEU A 221 13.61 -7.83 -9.54
CA LEU A 221 12.38 -7.64 -8.76
C LEU A 221 12.50 -6.37 -7.94
N LEU A 222 11.52 -5.48 -8.09
CA LEU A 222 11.46 -4.23 -7.34
C LEU A 222 10.62 -4.46 -6.08
N ALA A 223 11.19 -4.18 -4.92
CA ALA A 223 10.49 -4.41 -3.66
C ALA A 223 10.83 -3.31 -2.66
N THR A 224 10.66 -2.06 -3.09
CA THR A 224 11.12 -0.89 -2.37
C THR A 224 10.03 -0.17 -1.57
N GLY A 225 8.88 -0.79 -1.35
CA GLY A 225 7.86 -0.12 -0.56
C GLY A 225 7.13 0.98 -1.34
N GLY A 226 6.45 1.84 -0.58
CA GLY A 226 5.57 2.84 -1.14
C GLY A 226 6.24 4.19 -1.36
N TYR A 227 5.43 5.18 -1.70
CA TYR A 227 5.89 6.53 -2.01
C TYR A 227 5.28 7.56 -1.06
N GLY A 228 5.07 7.19 0.20
CA GLY A 228 4.47 8.12 1.15
C GLY A 228 5.24 9.40 1.39
N ARG A 229 6.57 9.40 1.19
CA ARG A 229 7.34 10.62 1.44
C ARG A 229 7.06 11.71 0.40
N VAL A 230 6.29 11.40 -0.63
CA VAL A 230 5.77 12.43 -1.52
C VAL A 230 4.84 13.40 -0.75
N TYR A 231 4.22 12.94 0.33
CA TYR A 231 3.39 13.79 1.17
C TYR A 231 4.20 14.39 2.32
N LYS A 232 3.69 15.48 2.88
CA LYS A 232 4.38 16.14 3.98
C LYS A 232 4.17 15.42 5.31
N HIS A 233 2.97 14.87 5.52
CA HIS A 233 2.65 14.13 6.73
C HIS A 233 2.46 12.67 6.36
N THR A 234 3.36 11.82 6.84
CA THR A 234 3.38 10.41 6.48
C THR A 234 3.88 9.60 7.66
N THR A 235 3.36 8.38 7.81
CA THR A 235 3.99 7.43 8.70
C THR A 235 5.27 6.84 8.10
N ASN A 236 5.48 6.98 6.80
CA ASN A 236 6.52 6.20 6.14
C ASN A 236 7.91 6.63 6.59
N ALA A 237 8.82 5.65 6.63
CA ALA A 237 10.23 5.95 6.81
C ALA A 237 10.76 6.72 5.61
N VAL A 238 11.94 7.33 5.78
CA VAL A 238 12.50 8.27 4.81
C VAL A 238 12.78 7.61 3.47
N ILE A 239 13.21 6.34 3.47
CA ILE A 239 13.48 5.67 2.19
C ILE A 239 12.23 5.39 1.37
N CYS A 240 11.03 5.61 1.91
CA CYS A 240 9.78 5.30 1.19
C CYS A 240 9.32 6.49 0.35
N ASP A 241 10.15 6.85 -0.63
CA ASP A 241 9.93 7.99 -1.49
C ASP A 241 9.55 7.59 -2.90
N GLY A 242 9.44 6.29 -3.18
CA GLY A 242 9.01 5.84 -4.48
C GLY A 242 10.01 5.97 -5.59
N ALA A 243 11.28 6.18 -5.28
CA ALA A 243 12.30 6.27 -6.32
C ALA A 243 12.29 5.03 -7.21
N GLY A 244 12.09 3.84 -6.62
CA GLY A 244 12.09 2.63 -7.43
C GLY A 244 10.97 2.64 -8.45
N ALA A 245 9.75 3.03 -8.02
CA ALA A 245 8.62 3.09 -8.93
C ALA A 245 8.87 4.08 -10.04
N ALA A 246 9.42 5.25 -9.68
CA ALA A 246 9.79 6.26 -10.67
C ALA A 246 10.83 5.72 -11.63
N SER A 247 11.80 4.95 -11.12
CA SER A 247 12.78 4.35 -12.01
C SER A 247 12.12 3.41 -13.01
N ALA A 248 11.14 2.61 -12.57
CA ALA A 248 10.36 1.80 -13.50
C ALA A 248 9.59 2.68 -14.48
N LEU A 249 9.00 3.77 -13.98
CA LEU A 249 8.29 4.67 -14.89
C LEU A 249 9.23 5.20 -15.96
N GLU A 250 10.47 5.53 -15.59
CA GLU A 250 11.40 6.20 -16.49
C GLU A 250 12.04 5.25 -17.51
N THR A 251 11.80 3.94 -17.44
CA THR A 251 12.14 3.07 -18.55
C THR A 251 11.27 3.34 -19.77
N GLY A 252 10.15 4.06 -19.61
CA GLY A 252 9.22 4.24 -20.68
C GLY A 252 8.37 3.02 -20.99
N VAL A 253 8.53 1.91 -20.25
CA VAL A 253 7.88 0.64 -20.58
C VAL A 253 7.00 0.14 -19.44
N ALA A 254 7.58 -0.04 -18.24
CA ALA A 254 6.76 -0.32 -17.07
C ALA A 254 5.70 0.76 -16.90
N LYS A 255 4.63 0.41 -16.20
CA LYS A 255 3.55 1.36 -15.97
C LYS A 255 3.21 1.38 -14.48
N LEU A 256 2.62 2.49 -14.06
CA LEU A 256 2.09 2.64 -12.72
C LEU A 256 0.56 2.53 -12.77
N GLY A 257 0.01 1.83 -11.77
CA GLY A 257 -1.43 1.68 -11.65
C GLY A 257 -1.96 2.34 -10.38
N ASN A 258 -3.14 2.95 -10.50
CA ASN A 258 -3.86 3.62 -9.42
C ASN A 258 -2.95 4.45 -8.51
N MET A 259 -2.11 5.29 -9.12
CA MET A 259 -1.26 6.15 -8.28
C MET A 259 -2.11 7.04 -7.39
N GLU A 260 -3.36 7.33 -7.78
CA GLU A 260 -4.20 8.16 -6.93
C GLU A 260 -4.75 7.40 -5.72
N ALA A 261 -4.56 6.08 -5.65
CA ALA A 261 -5.10 5.30 -4.53
C ALA A 261 -4.11 5.35 -3.37
N VAL A 262 -4.26 6.36 -2.51
CA VAL A 262 -3.35 6.62 -1.39
C VAL A 262 -4.12 6.48 -0.07
N GLN A 263 -3.71 5.55 0.78
CA GLN A 263 -4.40 5.35 2.06
C GLN A 263 -3.86 6.31 3.10
N PHE A 264 -4.77 7.05 3.73
CA PHE A 264 -4.47 7.89 4.88
C PHE A 264 -5.01 7.19 6.12
N HIS A 265 -4.12 6.85 7.04
CA HIS A 265 -4.50 6.01 8.17
C HIS A 265 -4.97 6.88 9.32
N PRO A 266 -6.07 6.53 9.99
CA PRO A 266 -6.68 7.45 10.95
C PRO A 266 -5.90 7.65 12.24
N THR A 267 -5.11 6.68 12.70
CA THR A 267 -4.54 6.84 14.05
C THR A 267 -3.02 7.05 14.06
N ALA A 268 -2.56 8.05 13.31
CA ALA A 268 -1.16 8.42 13.35
C ALA A 268 -0.91 9.38 14.51
N LEU A 269 0.17 9.13 15.25
CA LEU A 269 0.49 9.93 16.42
C LEU A 269 0.90 11.34 16.02
N VAL A 270 0.35 12.33 16.73
CA VAL A 270 0.69 13.74 16.54
C VAL A 270 1.85 14.10 17.45
N PRO A 271 2.95 14.67 16.94
CA PRO A 271 3.21 14.99 15.53
C PRO A 271 4.15 14.00 14.85
N SER A 272 4.64 13.00 15.60
CA SER A 272 5.63 12.07 15.05
C SER A 272 5.14 11.41 13.78
N GLY A 273 3.86 11.05 13.74
CA GLY A 273 3.34 10.24 12.67
C GLY A 273 3.47 8.75 12.91
N ILE A 274 3.91 8.33 14.10
CA ILE A 274 3.98 6.91 14.41
C ILE A 274 2.58 6.32 14.44
N LEU A 275 2.41 5.18 13.78
CA LEU A 275 1.13 4.48 13.78
C LEU A 275 0.81 3.97 15.17
N MET A 276 -0.41 4.22 15.62
CA MET A 276 -0.86 3.75 16.93
C MET A 276 -1.82 2.57 16.84
N THR A 277 -1.91 1.91 15.68
CA THR A 277 -2.85 0.80 15.49
C THR A 277 -2.42 -0.42 16.30
N ASP A 283 -8.23 -1.96 17.57
CA ASP A 283 -7.61 -2.62 18.72
C ASP A 283 -8.47 -2.50 19.97
N GLY A 284 -9.78 -2.27 19.79
CA GLY A 284 -10.69 -2.16 20.91
C GLY A 284 -10.77 -0.80 21.57
N GLY A 285 -10.01 0.18 21.11
CA GLY A 285 -10.10 1.52 21.68
C GLY A 285 -11.12 2.38 20.96
N VAL A 286 -11.41 3.53 21.56
CA VAL A 286 -12.42 4.45 21.04
C VAL A 286 -11.80 5.82 20.80
N LEU A 287 -12.36 6.55 19.85
CA LEU A 287 -11.92 7.89 19.50
C LEU A 287 -12.82 8.94 20.16
N ARG A 288 -12.23 10.04 20.62
CA ARG A 288 -12.98 11.11 21.26
C ARG A 288 -12.61 12.48 20.69
N ASP A 289 -13.59 13.36 20.63
CA ASP A 289 -13.34 14.75 20.25
C ASP A 289 -12.84 15.53 21.47
N LYS A 290 -12.75 16.85 21.35
CA LYS A 290 -12.12 17.68 22.38
C LYS A 290 -12.87 17.59 23.71
N PHE A 291 -14.17 17.28 23.67
CA PHE A 291 -15.01 17.19 24.85
C PHE A 291 -15.08 15.78 25.42
N GLY A 292 -14.46 14.79 24.77
CA GLY A 292 -14.51 13.42 25.22
C GLY A 292 -15.62 12.55 24.63
N ARG A 293 -16.34 13.06 23.62
CA ARG A 293 -17.48 12.33 23.07
C ARG A 293 -17.03 11.23 22.10
N ARG A 294 -17.65 10.07 22.24
CA ARG A 294 -17.49 8.95 21.31
C ARG A 294 -18.30 9.28 20.06
N PHE A 295 -17.64 9.88 19.07
CA PHE A 295 -18.36 10.41 17.93
C PHE A 295 -18.52 9.41 16.80
N MET A 296 -17.67 8.38 16.72
CA MET A 296 -17.75 7.46 15.59
C MET A 296 -19.09 6.75 15.46
N PRO A 297 -19.72 6.26 16.53
CA PRO A 297 -21.01 5.56 16.34
C PRO A 297 -22.05 6.36 15.58
N ALA A 298 -22.11 7.68 15.79
CA ALA A 298 -23.06 8.50 15.04
C ALA A 298 -22.72 8.50 13.54
N TYR A 299 -21.44 8.57 13.19
CA TYR A 299 -21.06 8.59 11.78
C TYR A 299 -21.20 7.22 11.14
N GLU A 300 -20.94 6.15 11.89
CA GLU A 300 -20.83 4.80 11.35
C GLU A 300 -21.52 3.87 12.34
N PRO A 301 -22.85 3.71 12.22
CA PRO A 301 -23.56 2.86 13.20
C PRO A 301 -23.15 1.40 13.15
N GLU A 302 -23.04 0.81 11.95
CA GLU A 302 -22.73 -0.61 11.85
C GLU A 302 -21.38 -0.92 12.46
N LYS A 303 -20.36 -0.14 12.09
CA LYS A 303 -18.97 -0.53 12.34
C LYS A 303 -18.22 0.34 13.34
N LYS A 304 -18.65 1.58 13.57
CA LYS A 304 -18.06 2.48 14.58
C LYS A 304 -16.57 2.65 14.28
N GLU A 305 -15.68 2.58 15.28
CA GLU A 305 -14.24 2.74 15.06
C GLU A 305 -13.64 1.68 14.13
N LEU A 306 -14.35 0.59 13.87
CA LEU A 306 -13.80 -0.49 13.04
C LEU A 306 -14.29 -0.44 11.61
N ALA A 307 -14.86 0.69 11.18
CA ALA A 307 -15.03 0.87 9.75
C ALA A 307 -13.66 0.83 9.08
N SER A 308 -13.68 0.83 7.74
CA SER A 308 -12.43 0.78 7.02
C SER A 308 -11.60 2.03 7.32
N ARG A 309 -10.29 1.91 7.07
N ARG A 309 -10.29 1.89 7.09
CA ARG A 309 -9.37 2.99 7.39
CA ARG A 309 -9.36 2.98 7.35
C ARG A 309 -9.70 4.25 6.58
C ARG A 309 -9.75 4.24 6.59
N ASP A 310 -10.03 4.10 5.29
CA ASP A 310 -10.39 5.27 4.49
C ASP A 310 -11.67 5.91 5.02
N VAL A 311 -12.58 5.12 5.60
CA VAL A 311 -13.82 5.67 6.13
C VAL A 311 -13.57 6.42 7.45
N VAL A 312 -12.82 5.80 8.37
CA VAL A 312 -12.60 6.42 9.67
C VAL A 312 -11.81 7.72 9.50
N SER A 313 -10.84 7.74 8.59
CA SER A 313 -10.09 8.97 8.36
C SER A 313 -11.00 10.10 7.91
N ARG A 314 -11.94 9.81 7.00
CA ARG A 314 -12.88 10.84 6.54
C ARG A 314 -13.79 11.31 7.67
N ARG A 315 -14.25 10.39 8.53
CA ARG A 315 -15.14 10.79 9.62
C ARG A 315 -14.40 11.69 10.62
N ILE A 316 -13.16 11.33 10.96
CA ILE A 316 -12.36 12.16 11.86
C ILE A 316 -12.21 13.56 11.31
N LEU A 317 -12.03 13.70 9.99
CA LEU A 317 -11.85 15.04 9.44
C LEU A 317 -13.17 15.78 9.34
N GLU A 318 -14.27 15.10 9.06
CA GLU A 318 -15.60 15.73 9.17
C GLU A 318 -15.82 16.32 10.55
N HIS A 319 -15.48 15.54 11.59
CA HIS A 319 -15.73 15.97 12.96
C HIS A 319 -14.81 17.12 13.35
N ILE A 320 -13.55 17.08 12.90
CA ILE A 320 -12.65 18.20 13.17
C ILE A 320 -13.12 19.43 12.41
N GLN A 321 -13.53 19.26 11.14
CA GLN A 321 -14.04 20.39 10.36
C GLN A 321 -15.17 21.11 11.08
N LYS A 322 -16.02 20.36 11.79
CA LYS A 322 -17.07 21.02 12.56
C LYS A 322 -16.52 21.82 13.73
N GLY A 323 -15.22 21.72 14.01
CA GLY A 323 -14.60 22.46 15.09
C GLY A 323 -14.44 21.71 16.39
N TYR A 324 -14.62 20.38 16.39
CA TYR A 324 -14.63 19.59 17.61
C TYR A 324 -13.30 18.90 17.88
N GLY A 325 -12.25 19.27 17.17
CA GLY A 325 -10.95 18.72 17.46
C GLY A 325 -10.26 19.44 18.59
N ALA A 326 -9.25 18.77 19.14
CA ALA A 326 -8.46 19.34 20.21
C ALA A 326 -7.37 20.23 19.62
N LYS A 327 -7.27 21.46 20.09
CA LYS A 327 -6.23 22.35 19.62
C LYS A 327 -4.86 21.87 20.10
N SER A 328 -3.85 22.09 19.27
CA SER A 328 -2.50 21.65 19.59
C SER A 328 -1.53 22.54 18.84
N PRO A 329 -0.24 22.51 19.20
CA PRO A 329 0.76 23.26 18.42
C PRO A 329 0.95 22.73 17.01
N TYR A 330 0.37 21.57 16.68
CA TYR A 330 0.58 20.95 15.38
C TYR A 330 -0.73 20.82 14.61
N GLY A 331 -1.75 21.56 15.03
CA GLY A 331 -3.06 21.50 14.39
C GLY A 331 -4.07 20.73 15.22
N ASP A 332 -5.30 20.74 14.73
CA ASP A 332 -6.38 20.04 15.41
C ASP A 332 -6.22 18.54 15.28
N HIS A 333 -6.64 17.82 16.32
CA HIS A 333 -6.53 16.37 16.34
C HIS A 333 -7.64 15.83 17.21
N VAL A 334 -7.77 14.51 17.22
CA VAL A 334 -8.70 13.86 18.13
C VAL A 334 -7.89 12.95 19.04
N TRP A 335 -8.58 12.30 19.98
CA TRP A 335 -7.94 11.50 21.00
C TRP A 335 -8.20 10.02 20.74
N LEU A 336 -7.22 9.20 21.06
CA LEU A 336 -7.38 7.75 21.06
C LEU A 336 -7.41 7.28 22.50
N ASP A 337 -8.56 6.76 22.94
CA ASP A 337 -8.76 6.31 24.31
C ASP A 337 -8.55 4.81 24.37
N ILE A 338 -7.33 4.41 24.72
CA ILE A 338 -7.01 3.02 25.03
C ILE A 338 -7.11 2.74 26.53
N ALA A 339 -7.10 3.78 27.37
CA ALA A 339 -7.11 3.60 28.82
C ALA A 339 -8.41 3.01 29.33
N ILE A 340 -9.50 3.06 28.55
CA ILE A 340 -10.77 2.52 29.01
C ILE A 340 -10.79 1.01 29.04
N LEU A 341 -9.79 0.36 28.44
CA LEU A 341 -9.68 -1.09 28.47
C LEU A 341 -9.03 -1.61 29.75
N GLY A 342 -8.66 -0.73 30.68
CA GLY A 342 -8.00 -1.10 31.91
C GLY A 342 -6.49 -1.16 31.77
N ARG A 343 -5.79 -0.86 32.86
CA ARG A 343 -4.33 -0.81 32.82
C ARG A 343 -3.73 -2.15 32.43
N ASN A 344 -4.26 -3.25 32.97
CA ASN A 344 -3.56 -4.51 32.80
C ASN A 344 -3.81 -5.15 31.44
N HIS A 345 -4.99 -4.93 30.84
CA HIS A 345 -5.16 -5.25 29.43
C HIS A 345 -4.16 -4.47 28.59
N VAL A 346 -3.99 -3.18 28.86
CA VAL A 346 -3.12 -2.35 28.03
C VAL A 346 -1.66 -2.77 28.17
N GLU A 347 -1.23 -3.07 29.40
CA GLU A 347 0.18 -3.33 29.67
C GLU A 347 0.64 -4.71 29.22
N LYS A 348 -0.28 -5.66 29.08
CA LYS A 348 0.07 -7.02 28.67
C LYS A 348 -0.22 -7.27 27.20
N ASN A 349 -1.43 -6.95 26.74
CA ASN A 349 -1.82 -7.25 25.36
C ASN A 349 -1.49 -6.13 24.38
N LEU A 350 -0.88 -5.03 24.84
CA LEU A 350 -0.68 -3.86 23.99
C LEU A 350 0.60 -3.12 24.36
N ARG A 351 1.63 -3.86 24.79
CA ARG A 351 2.82 -3.21 25.32
C ARG A 351 3.54 -2.38 24.25
N ASP A 352 3.34 -2.72 22.98
CA ASP A 352 3.99 -1.99 21.89
C ASP A 352 3.47 -0.57 21.82
N VAL A 353 2.15 -0.39 21.89
CA VAL A 353 1.58 0.96 21.82
C VAL A 353 1.95 1.75 23.07
N ARG A 354 1.95 1.09 24.23
CA ARG A 354 2.29 1.78 25.47
C ARG A 354 3.72 2.29 25.44
N ASP A 355 4.65 1.47 24.96
CA ASP A 355 6.05 1.89 24.88
C ASP A 355 6.22 3.04 23.88
N ILE A 356 5.49 3.00 22.75
CA ILE A 356 5.64 4.05 21.75
C ILE A 356 5.09 5.37 22.28
N ALA A 357 3.96 5.33 22.98
CA ALA A 357 3.37 6.56 23.48
C ALA A 357 4.27 7.22 24.52
N MET A 358 4.81 6.43 25.44
CA MET A 358 5.61 7.01 26.52
C MET A 358 6.95 7.54 26.01
N THR A 359 7.54 6.88 25.01
CA THR A 359 8.86 7.29 24.54
C THR A 359 8.79 8.56 23.67
N PHE A 360 7.72 8.75 22.90
CA PHE A 360 7.60 9.91 22.03
C PHE A 360 6.62 10.96 22.56
N ALA A 361 5.43 10.56 22.95
CA ALA A 361 4.44 11.55 23.37
C ALA A 361 4.50 11.87 24.85
N GLY A 362 5.34 11.16 25.61
CA GLY A 362 5.36 11.35 27.04
C GLY A 362 4.00 11.07 27.67
N ILE A 363 3.32 10.03 27.19
CA ILE A 363 1.97 9.69 27.61
C ILE A 363 1.92 8.20 27.94
N ASP A 364 1.38 7.85 29.11
CA ASP A 364 1.11 6.46 29.45
C ASP A 364 -0.35 6.16 29.09
N PRO A 365 -0.60 5.47 27.98
CA PRO A 365 -2.01 5.27 27.56
C PRO A 365 -2.79 4.29 28.42
N ALA A 366 -2.19 3.69 29.44
CA ALA A 366 -2.95 2.85 30.37
C ALA A 366 -3.58 3.66 31.49
N ASP A 367 -3.28 4.95 31.57
CA ASP A 367 -3.65 5.79 32.70
C ASP A 367 -5.00 6.44 32.42
N SER A 368 -6.06 5.91 33.05
CA SER A 368 -7.41 6.44 32.95
C SER A 368 -7.69 7.57 33.94
N GLU A 369 -6.70 7.98 34.74
CA GLU A 369 -6.91 9.02 35.72
C GLU A 369 -7.25 10.34 35.05
N GLU A 370 -8.12 11.12 35.69
CA GLU A 370 -8.62 12.37 35.12
C GLU A 370 -7.51 13.42 35.09
N GLN A 371 -7.33 14.05 33.93
CA GLN A 371 -6.37 15.13 33.77
C GLN A 371 -7.00 16.49 34.02
N THR A 372 -8.21 16.70 33.52
CA THR A 372 -8.93 17.95 33.71
C THR A 372 -10.39 17.73 33.39
N LYS A 373 -11.22 18.67 33.86
CA LYS A 373 -12.62 18.76 33.43
C LYS A 373 -12.83 19.89 32.43
N ASP A 374 -11.82 20.74 32.22
CA ASP A 374 -11.93 21.93 31.38
C ASP A 374 -12.40 21.58 29.97
N ASN A 375 -11.90 20.47 29.41
CA ASN A 375 -12.25 20.10 28.04
C ASN A 375 -13.74 19.91 27.87
N MET A 376 -14.43 19.46 28.92
CA MET A 376 -15.87 19.21 28.84
C MET A 376 -16.65 20.50 28.61
N GLN A 377 -16.11 21.63 29.07
CA GLN A 377 -16.80 22.90 28.94
C GLN A 377 -17.02 23.25 27.47
N GLY A 378 -18.13 23.92 27.21
CA GLY A 378 -18.42 24.42 25.88
C GLY A 378 -18.95 23.40 24.89
N MET A 379 -19.54 22.30 25.37
CA MET A 379 -20.04 21.24 24.49
C MET A 379 -21.41 21.64 23.93
N PRO A 380 -21.63 21.46 22.63
CA PRO A 380 -22.97 21.73 22.06
C PRO A 380 -24.02 20.85 22.73
N ALA A 381 -25.18 21.45 23.00
CA ALA A 381 -26.26 20.81 23.74
C ALA A 381 -27.35 20.22 22.84
N ASN A 382 -27.12 20.19 21.53
CA ASN A 382 -28.12 19.72 20.57
C ASN A 382 -27.59 18.57 19.72
N GLU A 383 -26.50 17.94 20.15
CA GLU A 383 -25.84 16.87 19.40
C GLU A 383 -25.80 15.61 20.25
N PRO A 384 -26.98 15.02 20.53
CA PRO A 384 -26.99 13.83 21.38
C PRO A 384 -26.36 12.63 20.72
N GLU A 385 -26.44 12.52 19.40
CA GLU A 385 -25.90 11.37 18.68
C GLU A 385 -24.42 11.15 18.96
N TYR A 386 -23.69 12.19 19.38
CA TYR A 386 -22.31 12.07 19.81
C TYR A 386 -22.18 11.75 21.29
N GLY A 387 -23.29 11.68 22.02
CA GLY A 387 -23.26 11.24 23.40
C GLY A 387 -22.75 12.31 24.36
N GLN A 388 -22.38 11.85 25.55
CA GLN A 388 -22.03 12.72 26.65
C GLN A 388 -20.55 13.11 26.60
N ALA A 389 -20.21 14.12 27.39
CA ALA A 389 -18.85 14.65 27.45
C ALA A 389 -18.07 13.95 28.57
N MET A 390 -16.96 13.33 28.22
CA MET A 390 -16.11 12.70 29.21
C MET A 390 -14.93 13.61 29.54
N ALA A 391 -14.48 13.53 30.79
CA ALA A 391 -13.37 14.34 31.25
C ALA A 391 -12.05 13.80 30.70
N LYS A 392 -11.20 14.73 30.27
CA LYS A 392 -9.91 14.38 29.69
C LYS A 392 -9.10 13.52 30.66
N GLN A 393 -8.48 12.47 30.12
CA GLN A 393 -7.67 11.54 30.89
C GLN A 393 -6.22 11.60 30.41
N LYS A 394 -5.29 11.43 31.35
CA LYS A 394 -3.88 11.61 31.03
C LYS A 394 -3.41 10.63 29.96
N GLY A 395 -4.05 9.49 29.83
CA GLY A 395 -3.60 8.46 28.94
C GLY A 395 -4.08 8.53 27.52
N TRP A 396 -4.87 9.54 27.15
CA TRP A 396 -5.34 9.64 25.77
C TRP A 396 -4.18 10.02 24.84
N ILE A 397 -4.19 9.45 23.65
CA ILE A 397 -3.13 9.64 22.66
C ILE A 397 -3.63 10.65 21.63
N PRO A 398 -2.85 11.69 21.31
CA PRO A 398 -3.26 12.63 20.26
C PRO A 398 -3.01 11.99 18.91
N ILE A 399 -4.07 11.86 18.10
CA ILE A 399 -3.99 11.23 16.80
C ILE A 399 -4.76 12.06 15.77
N LYS A 400 -4.41 11.85 14.50
CA LYS A 400 -5.11 12.42 13.36
C LYS A 400 -4.69 11.62 12.13
N PRO A 401 -5.44 11.70 11.04
CA PRO A 401 -5.09 10.91 9.85
C PRO A 401 -3.84 11.45 9.17
N MET A 402 -2.98 10.53 8.71
CA MET A 402 -1.82 10.87 7.92
C MET A 402 -1.62 9.80 6.84
N GLN A 403 -0.91 10.16 5.79
CA GLN A 403 -0.57 9.19 4.75
C GLN A 403 0.15 7.99 5.39
N HIS A 404 -0.26 6.79 4.99
CA HIS A 404 0.35 5.59 5.56
C HIS A 404 0.70 4.51 4.53
N TYR A 405 -0.14 4.32 3.51
CA TYR A 405 0.07 3.20 2.59
C TYR A 405 -0.17 3.62 1.14
N SER A 406 0.63 3.08 0.23
CA SER A 406 0.49 3.34 -1.20
C SER A 406 -0.17 2.15 -1.89
N MET A 407 -1.49 2.22 -2.10
CA MET A 407 -2.14 1.17 -2.87
C MET A 407 -1.59 1.11 -4.30
N GLY A 408 -1.38 2.26 -4.92
CA GLY A 408 -0.78 2.29 -6.24
C GLY A 408 0.66 1.82 -6.19
N GLY A 409 1.26 1.79 -7.38
CA GLY A 409 2.62 1.30 -7.54
C GLY A 409 2.85 0.78 -8.96
N VAL A 410 3.93 0.03 -9.14
CA VAL A 410 4.24 -0.50 -10.47
C VAL A 410 3.22 -1.58 -10.82
N ARG A 411 2.58 -1.44 -11.98
CA ARG A 411 1.51 -2.36 -12.37
C ARG A 411 2.09 -3.72 -12.78
N THR A 412 1.57 -4.79 -12.19
CA THR A 412 1.96 -6.14 -12.60
C THR A 412 0.76 -6.94 -13.07
N ASN A 413 1.05 -8.09 -13.68
CA ASN A 413 0.08 -9.15 -13.85
C ASN A 413 -0.02 -9.90 -12.51
N PRO A 414 -0.86 -10.95 -12.41
CA PRO A 414 -0.96 -11.66 -11.12
C PRO A 414 0.31 -12.37 -10.71
N LYS A 415 1.17 -12.75 -11.67
CA LYS A 415 2.46 -13.34 -11.34
C LYS A 415 3.48 -12.33 -10.86
N GLY A 416 3.17 -11.03 -10.92
CA GLY A 416 4.09 -10.02 -10.50
C GLY A 416 4.97 -9.45 -11.59
N GLU A 417 4.74 -9.78 -12.87
CA GLU A 417 5.57 -9.22 -13.93
C GLU A 417 5.00 -7.90 -14.40
N THR A 418 5.88 -6.91 -14.60
CA THR A 418 5.47 -5.62 -15.15
C THR A 418 5.43 -5.70 -16.67
N HIS A 419 5.00 -4.60 -17.29
CA HIS A 419 4.99 -4.53 -18.75
C HIS A 419 6.39 -4.65 -19.35
N LEU A 420 7.43 -4.37 -18.57
CA LEU A 420 8.80 -4.57 -19.02
C LEU A 420 9.20 -6.01 -18.70
N LYS A 421 9.39 -6.84 -19.73
CA LYS A 421 9.60 -8.27 -19.50
C LYS A 421 10.87 -8.50 -18.68
N GLY A 422 10.74 -9.34 -17.67
CA GLY A 422 11.86 -9.61 -16.79
C GLY A 422 11.95 -8.72 -15.58
N LEU A 423 11.17 -7.62 -15.53
CA LEU A 423 11.10 -6.77 -14.34
C LEU A 423 9.83 -7.12 -13.59
N PHE A 424 9.99 -7.72 -12.42
CA PHE A 424 8.89 -8.05 -11.54
C PHE A 424 8.80 -7.00 -10.44
N CYS A 425 7.70 -7.03 -9.71
CA CYS A 425 7.52 -6.07 -8.62
C CYS A 425 6.60 -6.71 -7.60
N ALA A 426 6.91 -6.54 -6.32
CA ALA A 426 6.18 -7.25 -5.27
C ALA A 426 6.00 -6.34 -4.06
N GLY A 427 4.84 -6.46 -3.41
CA GLY A 427 4.57 -5.74 -2.17
C GLY A 427 4.00 -4.35 -2.39
N GLU A 428 4.22 -3.42 -1.45
CA GLU A 428 3.63 -2.09 -1.55
C GLU A 428 4.13 -1.31 -2.77
N ALA A 429 5.32 -1.65 -3.29
CA ALA A 429 5.81 -1.03 -4.53
C ALA A 429 4.99 -1.39 -5.76
N ALA A 430 4.17 -2.45 -5.71
CA ALA A 430 3.37 -2.88 -6.86
C ALA A 430 1.94 -2.37 -6.77
N CYS A 431 1.25 -2.41 -7.92
CA CYS A 431 -0.21 -2.42 -8.02
C CYS A 431 -0.54 -3.79 -8.62
N TRP A 432 -0.80 -4.75 -7.74
CA TRP A 432 -0.73 -6.19 -8.05
C TRP A 432 -1.94 -6.73 -8.82
N ASP A 433 -3.19 -6.38 -8.51
CA ASP A 433 -3.66 -5.34 -7.61
C ASP A 433 -4.49 -5.96 -6.49
N LEU A 434 -3.89 -6.04 -5.31
CA LEU A 434 -4.54 -6.68 -4.18
C LEU A 434 -5.50 -5.75 -3.45
N HIS A 435 -5.23 -4.45 -3.44
CA HIS A 435 -5.88 -3.55 -2.50
C HIS A 435 -6.87 -2.59 -3.12
N GLY A 436 -6.88 -2.45 -4.45
CA GLY A 436 -7.85 -1.55 -5.07
C GLY A 436 -7.66 -0.15 -4.52
N PHE A 437 -8.72 0.43 -3.96
CA PHE A 437 -8.68 1.80 -3.45
C PHE A 437 -8.65 1.89 -1.92
N ASN A 438 -8.30 0.79 -1.24
CA ASN A 438 -8.08 0.83 0.21
C ASN A 438 -7.55 -0.49 0.76
N ARG A 439 -6.37 -0.46 1.36
CA ARG A 439 -5.81 -1.68 1.94
C ARG A 439 -6.57 -2.07 3.21
N LEU A 440 -7.01 -3.33 3.26
CA LEU A 440 -7.67 -3.83 4.46
C LEU A 440 -6.71 -3.82 5.63
N GLY A 441 -7.18 -3.32 6.78
CA GLY A 441 -6.30 -3.20 7.94
C GLY A 441 -5.73 -4.53 8.41
N GLY A 442 -6.49 -5.62 8.23
CA GLY A 442 -6.00 -6.93 8.63
C GLY A 442 -4.92 -7.52 7.72
N ASN A 443 -4.79 -7.02 6.50
CA ASN A 443 -3.81 -7.51 5.54
C ASN A 443 -2.44 -6.83 5.69
N SER A 444 -2.29 -5.91 6.65
CA SER A 444 -1.01 -5.26 6.91
C SER A 444 0.07 -6.27 7.26
N VAL A 445 -0.23 -7.17 8.21
CA VAL A 445 0.78 -8.05 8.78
C VAL A 445 1.40 -8.96 7.71
N SER A 446 0.57 -9.58 6.88
CA SER A 446 1.02 -10.69 6.07
C SER A 446 1.39 -10.32 4.63
N GLU A 447 1.05 -9.10 4.19
CA GLU A 447 1.06 -8.80 2.75
C GLU A 447 2.42 -8.99 2.11
N ALA A 448 3.47 -8.44 2.72
CA ALA A 448 4.78 -8.44 2.08
C ALA A 448 5.37 -9.85 2.03
N VAL A 449 5.20 -10.64 3.09
CA VAL A 449 5.67 -12.02 3.08
C VAL A 449 4.96 -12.82 1.99
N VAL A 450 3.62 -12.73 1.96
CA VAL A 450 2.83 -13.47 0.98
C VAL A 450 3.22 -13.07 -0.43
N ALA A 451 3.34 -11.76 -0.67
CA ALA A 451 3.84 -11.30 -1.97
C ALA A 451 5.22 -11.90 -2.27
N GLY A 452 6.12 -11.90 -1.28
CA GLY A 452 7.44 -12.43 -1.51
C GLY A 452 7.41 -13.92 -1.84
N MET A 453 6.55 -14.67 -1.16
CA MET A 453 6.35 -16.08 -1.49
C MET A 453 5.85 -16.26 -2.92
N ILE A 454 4.68 -15.69 -3.23
CA ILE A 454 4.03 -15.95 -4.51
C ILE A 454 4.88 -15.43 -5.67
N ILE A 455 5.12 -14.12 -5.68
CA ILE A 455 5.85 -13.48 -6.77
C ILE A 455 7.32 -13.90 -6.77
N GLY A 456 7.94 -14.03 -5.59
CA GLY A 456 9.31 -14.51 -5.55
C GLY A 456 9.45 -15.84 -6.26
N ASP A 457 8.47 -16.72 -6.09
CA ASP A 457 8.52 -18.01 -6.77
C ASP A 457 8.30 -17.86 -8.27
N TYR A 458 7.28 -17.09 -8.68
CA TYR A 458 7.13 -16.80 -10.10
C TYR A 458 8.37 -16.09 -10.65
N PHE A 459 8.94 -15.17 -9.88
CA PHE A 459 10.15 -14.48 -10.30
C PHE A 459 11.29 -15.47 -10.47
N ALA A 460 11.41 -16.40 -9.54
CA ALA A 460 12.50 -17.36 -9.61
C ALA A 460 12.38 -18.22 -10.86
N SER A 461 11.16 -18.63 -11.21
CA SER A 461 10.98 -19.45 -12.41
C SER A 461 11.40 -18.68 -13.66
N HIS A 462 11.01 -17.42 -13.76
CA HIS A 462 11.46 -16.63 -14.89
C HIS A 462 12.99 -16.62 -15.00
N CYS A 463 13.68 -16.50 -13.86
CA CYS A 463 15.13 -16.40 -13.89
C CYS A 463 15.82 -17.69 -14.32
N LEU A 464 15.10 -18.82 -14.26
CA LEU A 464 15.68 -20.07 -14.71
C LEU A 464 15.66 -20.22 -16.22
N GLU A 465 14.77 -19.51 -16.91
CA GLU A 465 14.69 -19.60 -18.37
C GLU A 465 15.91 -19.01 -19.05
N ALA A 466 16.35 -19.67 -20.12
CA ALA A 466 17.42 -19.12 -20.95
C ALA A 466 16.92 -17.93 -21.75
N GLN A 467 17.79 -16.93 -21.92
CA GLN A 467 17.43 -15.71 -22.64
C GLN A 467 18.68 -15.16 -23.32
N ILE A 468 18.47 -14.37 -24.37
CA ILE A 468 19.59 -13.74 -25.06
C ILE A 468 20.14 -12.61 -24.20
N GLU A 469 21.46 -12.56 -24.11
CA GLU A 469 22.11 -11.57 -23.26
C GLU A 469 22.09 -10.18 -23.91
N ILE A 470 22.43 -9.17 -23.10
CA ILE A 470 22.61 -7.80 -23.55
C ILE A 470 24.09 -7.56 -23.77
N ASN A 471 24.44 -6.82 -24.82
CA ASN A 471 25.84 -6.60 -25.15
C ASN A 471 26.51 -5.74 -24.09
N THR A 472 27.78 -6.06 -23.80
CA THR A 472 28.50 -5.35 -22.75
C THR A 472 28.60 -3.85 -23.03
N GLN A 473 28.66 -3.46 -24.30
CA GLN A 473 28.73 -2.04 -24.63
C GLN A 473 27.46 -1.32 -24.20
N LYS A 474 26.29 -1.93 -24.42
CA LYS A 474 25.05 -1.31 -24.01
C LYS A 474 25.03 -1.06 -22.50
N VAL A 475 25.61 -1.99 -21.73
CA VAL A 475 25.63 -1.84 -20.28
C VAL A 475 26.48 -0.62 -19.90
N GLU A 476 27.69 -0.54 -20.44
CA GLU A 476 28.58 0.56 -20.13
C GLU A 476 27.95 1.91 -20.45
N ALA A 477 27.12 1.98 -21.51
CA ALA A 477 26.44 3.23 -21.82
C ALA A 477 25.37 3.56 -20.78
N PHE A 478 24.73 2.55 -20.19
CA PHE A 478 23.86 2.83 -19.06
C PHE A 478 24.64 3.35 -17.86
N ILE A 479 25.79 2.74 -17.57
CA ILE A 479 26.68 3.24 -16.51
C ILE A 479 27.07 4.69 -16.81
N LYS A 480 27.50 4.96 -18.05
CA LYS A 480 27.98 6.31 -18.37
C LYS A 480 26.86 7.34 -18.27
N GLU A 481 25.62 6.95 -18.61
CA GLU A 481 24.51 7.89 -18.51
C GLU A 481 24.32 8.36 -17.08
N SER A 482 24.37 7.45 -16.11
CA SER A 482 24.18 7.83 -14.71
C SER A 482 25.38 8.62 -14.20
N GLN A 483 26.60 8.26 -14.61
CA GLN A 483 27.77 9.08 -14.28
C GLN A 483 27.58 10.50 -14.78
N ASP A 484 27.18 10.66 -16.04
CA ASP A 484 26.99 12.01 -16.58
C ASP A 484 25.89 12.74 -15.82
N TYR A 485 24.85 12.00 -15.41
CA TYR A 485 23.74 12.63 -14.70
C TYR A 485 24.18 13.14 -13.34
N MET A 486 25.05 12.40 -12.65
CA MET A 486 25.59 12.88 -11.37
C MET A 486 26.40 14.16 -11.56
N HIS A 487 27.29 14.19 -12.56
CA HIS A 487 28.05 15.40 -12.79
C HIS A 487 27.13 16.56 -13.14
N PHE A 488 26.09 16.29 -13.93
CA PHE A 488 25.16 17.36 -14.28
C PHE A 488 24.48 17.92 -13.04
N LEU A 489 24.07 17.06 -12.11
CA LEU A 489 23.43 17.57 -10.89
C LEU A 489 24.38 18.44 -10.07
N LEU A 490 25.69 18.18 -10.13
CA LEU A 490 26.63 19.01 -9.38
C LEU A 490 27.01 20.27 -10.15
N HIS A 491 27.04 20.21 -11.49
CA HIS A 491 27.63 21.27 -12.30
C HIS A 491 26.73 21.61 -13.49
N ASN A 492 25.59 22.23 -13.20
CA ASN A 492 24.78 22.81 -14.25
C ASN A 492 24.47 24.25 -13.86
N GLU A 493 24.01 25.03 -14.83
CA GLU A 493 23.83 26.46 -14.63
C GLU A 493 22.61 26.79 -13.78
N GLY A 494 21.85 25.80 -13.34
CA GLY A 494 20.65 26.07 -12.58
C GLY A 494 20.95 26.62 -11.21
N LYS A 495 20.02 27.41 -10.68
CA LYS A 495 20.14 27.99 -9.36
C LYS A 495 19.03 27.54 -8.41
N GLU A 496 18.30 26.49 -8.77
CA GLU A 496 17.19 25.99 -7.94
C GLU A 496 17.71 25.06 -6.84
N ASP A 497 17.13 25.21 -5.65
CA ASP A 497 17.53 24.45 -4.48
C ASP A 497 16.59 23.26 -4.29
N VAL A 498 17.16 22.07 -4.14
CA VAL A 498 16.35 20.84 -4.08
C VAL A 498 15.33 20.89 -2.95
N TYR A 499 15.67 21.56 -1.83
CA TYR A 499 14.83 21.49 -0.64
C TYR A 499 13.64 22.43 -0.70
N GLU A 500 13.81 23.61 -1.29
CA GLU A 500 12.65 24.48 -1.50
C GLU A 500 11.63 23.81 -2.41
N ILE A 501 12.10 23.12 -3.46
CA ILE A 501 11.18 22.45 -4.38
C ILE A 501 10.51 21.27 -3.69
N ARG A 502 11.28 20.45 -2.98
CA ARG A 502 10.70 19.27 -2.33
C ARG A 502 9.69 19.67 -1.26
N GLU A 503 10.05 20.64 -0.40
CA GLU A 503 9.16 21.09 0.65
C GLU A 503 7.82 21.53 0.09
N ARG A 504 7.85 22.32 -0.99
CA ARG A 504 6.60 22.83 -1.55
C ARG A 504 5.80 21.71 -2.23
N MET A 505 6.47 20.74 -2.85
CA MET A 505 5.76 19.60 -3.42
C MET A 505 4.98 18.85 -2.35
N LYS A 506 5.62 18.62 -1.19
CA LYS A 506 4.98 17.85 -0.13
C LYS A 506 3.76 18.60 0.42
N GLU A 507 3.87 19.93 0.51
CA GLU A 507 2.74 20.75 0.95
C GLU A 507 1.58 20.67 -0.04
N VAL A 508 1.85 20.80 -1.33
CA VAL A 508 0.79 20.73 -2.33
C VAL A 508 0.05 19.42 -2.25
N MET A 509 0.80 18.32 -2.09
CA MET A 509 0.17 17.00 -2.01
C MET A 509 -0.70 16.90 -0.76
N ASP A 510 -0.25 17.48 0.36
CA ASP A 510 -0.96 17.33 1.62
C ASP A 510 -2.25 18.15 1.61
N GLU A 511 -2.18 19.36 1.08
CA GLU A 511 -3.32 20.27 1.11
C GLU A 511 -4.38 19.87 0.08
N LYS A 512 -3.96 19.55 -1.15
CA LYS A 512 -4.87 19.43 -2.26
C LYS A 512 -5.00 18.03 -2.85
N VAL A 513 -4.19 17.07 -2.44
CA VAL A 513 -4.34 15.70 -2.93
C VAL A 513 -4.44 14.74 -1.76
N GLY A 514 -5.24 15.12 -0.76
CA GLY A 514 -5.39 14.35 0.46
C GLY A 514 -6.68 13.58 0.55
N VAL A 515 -7.27 13.59 1.75
CA VAL A 515 -8.43 12.76 2.06
C VAL A 515 -9.63 13.19 1.24
N PHE A 516 -9.87 14.49 1.16
CA PHE A 516 -10.97 15.10 0.42
C PHE A 516 -10.39 15.89 -0.74
N ARG A 517 -10.81 15.53 -1.96
CA ARG A 517 -10.31 16.16 -3.17
C ARG A 517 -11.47 16.79 -3.93
N GLU A 518 -11.13 17.83 -4.69
CA GLU A 518 -12.10 18.57 -5.48
C GLU A 518 -11.47 18.95 -6.81
N GLY A 519 -12.26 18.86 -7.88
CA GLY A 519 -11.80 19.22 -9.22
C GLY A 519 -10.97 20.49 -9.31
N LYS A 520 -11.57 21.65 -9.00
CA LYS A 520 -10.87 22.93 -9.10
C LYS A 520 -9.55 22.91 -8.31
N LYS A 521 -9.56 22.27 -7.14
CA LYS A 521 -8.38 22.25 -6.27
C LYS A 521 -7.31 21.31 -6.80
N LEU A 522 -7.72 20.17 -7.36
CA LEU A 522 -6.78 19.30 -8.05
C LEU A 522 -6.15 20.00 -9.25
N GLU A 523 -6.92 20.84 -9.94
CA GLU A 523 -6.37 21.60 -11.06
C GLU A 523 -5.28 22.55 -10.58
N GLU A 524 -5.51 23.23 -9.46
CA GLU A 524 -4.48 24.13 -8.91
C GLU A 524 -3.24 23.35 -8.54
N ALA A 525 -3.44 22.19 -7.91
CA ALA A 525 -2.31 21.35 -7.51
C ALA A 525 -1.48 20.95 -8.70
N LEU A 526 -2.14 20.45 -9.76
CA LEU A 526 -1.42 20.01 -10.94
C LEU A 526 -0.60 21.13 -11.56
N LYS A 527 -1.19 22.33 -11.69
CA LYS A 527 -0.46 23.44 -12.28
C LYS A 527 0.79 23.77 -11.45
N GLU A 528 0.64 23.89 -10.14
CA GLU A 528 1.80 24.16 -9.29
C GLU A 528 2.83 23.04 -9.38
N LEU A 529 2.36 21.77 -9.39
CA LEU A 529 3.28 20.65 -9.58
C LEU A 529 3.98 20.73 -10.92
N GLN A 530 3.23 21.14 -11.95
CA GLN A 530 3.84 21.30 -13.26
C GLN A 530 4.98 22.29 -13.23
N GLU A 531 4.85 23.37 -12.45
CA GLU A 531 5.89 24.38 -12.47
C GLU A 531 7.04 24.04 -11.53
N LEU A 532 6.75 23.36 -10.41
CA LEU A 532 7.83 22.77 -9.64
C LEU A 532 8.62 21.78 -10.48
N TYR A 533 7.94 21.05 -11.36
CA TYR A 533 8.64 20.09 -12.20
C TYR A 533 9.56 20.79 -13.20
N ALA A 534 9.08 21.87 -13.83
CA ALA A 534 9.94 22.62 -14.74
C ALA A 534 11.09 23.27 -14.00
N ARG A 535 10.83 23.81 -12.80
CA ARG A 535 11.92 24.36 -12.00
C ARG A 535 12.90 23.28 -11.58
N SER A 536 12.40 22.08 -11.28
CA SER A 536 13.26 21.00 -10.82
C SER A 536 14.29 20.62 -11.86
N LYS A 537 14.02 20.88 -13.13
CA LYS A 537 15.03 20.65 -14.15
C LYS A 537 16.26 21.53 -13.94
N ASN A 538 16.14 22.63 -13.20
CA ASN A 538 17.24 23.54 -12.92
C ASN A 538 17.83 23.36 -11.53
N ILE A 539 17.58 22.22 -10.88
CA ILE A 539 18.16 21.96 -9.56
C ILE A 539 19.67 21.78 -9.70
N CYS A 540 20.42 22.46 -8.83
CA CYS A 540 21.87 22.30 -8.78
C CYS A 540 22.32 22.04 -7.36
N VAL A 541 23.05 20.94 -7.16
CA VAL A 541 23.49 20.52 -5.83
C VAL A 541 24.62 21.43 -5.36
N LYS A 542 24.43 22.07 -4.20
CA LYS A 542 25.43 23.01 -3.70
C LYS A 542 26.68 22.29 -3.19
N ASN A 543 26.51 21.15 -2.54
CA ASN A 543 27.63 20.34 -2.08
C ASN A 543 28.19 19.56 -3.26
N LYS A 544 29.39 19.92 -3.69
CA LYS A 544 29.88 19.48 -4.99
C LYS A 544 30.91 18.37 -4.86
N VAL A 545 30.49 17.26 -4.25
CA VAL A 545 31.29 16.04 -4.21
C VAL A 545 30.43 14.88 -4.69
N LEU A 546 31.07 13.91 -5.32
CA LEU A 546 30.40 12.74 -5.85
C LEU A 546 30.10 11.69 -4.80
N HIS A 547 30.79 11.73 -3.67
CA HIS A 547 30.68 10.72 -2.62
C HIS A 547 29.86 11.24 -1.44
N ASN A 548 29.31 10.28 -0.67
CA ASN A 548 28.66 10.53 0.62
C ASN A 548 28.03 11.90 0.70
N ASN A 549 26.97 12.14 -0.06
CA ASN A 549 26.44 13.49 -0.27
C ASN A 549 24.92 13.46 -0.20
N PRO A 550 24.34 13.72 0.98
CA PRO A 550 22.88 13.63 1.12
C PRO A 550 22.12 14.57 0.18
N GLU A 551 22.69 15.74 -0.13
CA GLU A 551 22.02 16.67 -1.05
C GLU A 551 21.99 16.11 -2.48
N LEU A 552 23.03 15.38 -2.87
CA LEU A 552 23.01 14.75 -4.18
C LEU A 552 21.93 13.68 -4.26
N GLU A 553 21.82 12.84 -3.23
CA GLU A 553 20.76 11.84 -3.18
C GLU A 553 19.38 12.52 -3.28
N ASP A 554 19.18 13.57 -2.49
CA ASP A 554 17.87 14.23 -2.43
C ASP A 554 17.52 14.87 -3.78
N ALA A 555 18.52 15.35 -4.51
CA ALA A 555 18.25 15.94 -5.82
C ALA A 555 17.69 14.89 -6.78
N TYR A 556 18.36 13.75 -6.91
CA TYR A 556 17.85 12.80 -7.88
C TYR A 556 16.64 12.03 -7.35
N ARG A 557 16.42 12.05 -6.04
CA ARG A 557 15.17 11.47 -5.52
C ARG A 557 13.99 12.42 -5.74
N THR A 558 14.20 13.72 -5.49
CA THR A 558 13.11 14.69 -5.62
C THR A 558 12.66 14.85 -7.07
N LYS A 559 13.60 14.75 -8.02
CA LYS A 559 13.22 14.84 -9.42
C LYS A 559 12.35 13.65 -9.81
N LYS A 560 12.66 12.46 -9.28
CA LYS A 560 11.78 11.31 -9.46
C LYS A 560 10.44 11.52 -8.75
N MET A 561 10.45 12.01 -7.51
CA MET A 561 9.21 12.16 -6.77
C MET A 561 8.22 13.05 -7.50
N LEU A 562 8.71 14.09 -8.18
CA LEU A 562 7.78 15.00 -8.85
C LEU A 562 7.03 14.32 -9.99
N LYS A 563 7.64 13.32 -10.65
CA LYS A 563 6.91 12.58 -11.66
C LYS A 563 5.79 11.75 -11.03
N LEU A 564 6.05 11.14 -9.88
CA LEU A 564 4.99 10.43 -9.17
C LEU A 564 3.88 11.38 -8.78
N ALA A 565 4.24 12.54 -8.23
CA ALA A 565 3.25 13.54 -7.84
C ALA A 565 2.35 13.92 -9.00
N LEU A 566 2.92 14.04 -10.20
CA LEU A 566 2.12 14.36 -11.38
C LEU A 566 1.22 13.18 -11.75
N CYS A 567 1.71 11.95 -11.60
CA CYS A 567 0.90 10.78 -11.84
C CYS A 567 -0.23 10.67 -10.83
N ILE A 568 0.08 10.90 -9.55
CA ILE A 568 -0.93 10.84 -8.50
C ILE A 568 -2.03 11.86 -8.76
N THR A 569 -1.63 13.09 -9.11
CA THR A 569 -2.57 14.20 -9.20
C THR A 569 -3.40 14.14 -10.48
N GLN A 570 -2.77 13.83 -11.63
CA GLN A 570 -3.53 13.70 -12.87
C GLN A 570 -4.56 12.57 -12.80
N GLY A 571 -4.19 11.44 -12.18
CA GLY A 571 -5.14 10.35 -12.03
C GLY A 571 -6.31 10.71 -11.13
N ALA A 572 -6.03 11.43 -10.02
CA ALA A 572 -7.09 11.86 -9.12
C ALA A 572 -8.01 12.85 -9.80
N LEU A 573 -7.45 13.71 -10.66
CA LEU A 573 -8.23 14.71 -11.36
C LEU A 573 -9.15 14.05 -12.40
N LEU A 574 -8.59 13.09 -13.14
CA LEU A 574 -9.39 12.43 -14.16
C LEU A 574 -10.51 11.61 -13.54
N ARG A 575 -10.28 11.03 -12.37
CA ARG A 575 -11.23 10.04 -11.83
C ARG A 575 -12.35 10.78 -11.10
N THR A 576 -13.42 11.05 -11.85
CA THR A 576 -14.59 11.75 -11.33
C THR A 576 -15.57 10.76 -10.70
N GLU A 577 -15.13 10.21 -9.58
CA GLU A 577 -15.91 9.34 -8.72
C GLU A 577 -15.22 9.32 -7.36
N SER A 578 -15.89 8.71 -6.39
CA SER A 578 -15.31 8.48 -5.08
C SER A 578 -15.27 6.97 -4.87
N ARG A 579 -14.07 6.43 -4.70
CA ARG A 579 -13.91 4.99 -4.49
C ARG A 579 -12.81 4.80 -3.46
N GLY A 580 -13.14 4.09 -2.38
CA GLY A 580 -12.15 3.86 -1.33
C GLY A 580 -11.56 5.16 -0.84
N ALA A 581 -10.23 5.21 -0.78
CA ALA A 581 -9.51 6.37 -0.26
C ALA A 581 -9.54 7.58 -1.20
N HIS A 582 -9.97 7.42 -2.44
CA HIS A 582 -10.06 8.54 -3.38
C HIS A 582 -11.47 9.12 -3.28
N THR A 583 -11.57 10.28 -2.67
CA THR A 583 -12.86 10.92 -2.44
C THR A 583 -12.91 12.22 -3.23
N ARG A 584 -13.93 12.35 -4.08
CA ARG A 584 -14.19 13.59 -4.80
C ARG A 584 -15.44 14.23 -4.24
N ILE A 585 -15.28 15.42 -3.66
CA ILE A 585 -16.41 16.19 -3.13
C ILE A 585 -17.43 16.47 -4.22
N ASP A 586 -16.96 16.72 -5.45
CA ASP A 586 -17.84 17.04 -6.58
C ASP A 586 -18.42 15.80 -7.25
N TYR A 587 -17.85 14.62 -7.00
CA TYR A 587 -18.37 13.36 -7.54
C TYR A 587 -18.44 12.35 -6.39
N PRO A 588 -19.40 12.52 -5.47
CA PRO A 588 -19.35 11.74 -4.22
C PRO A 588 -19.70 10.27 -4.37
N LYS A 589 -20.30 9.84 -5.48
CA LYS A 589 -20.75 8.47 -5.62
C LYS A 589 -19.67 7.62 -6.26
N ARG A 590 -19.60 6.35 -5.84
CA ARG A 590 -18.82 5.36 -6.55
C ARG A 590 -19.53 5.04 -7.86
N ASP A 591 -18.78 5.03 -8.96
CA ASP A 591 -19.31 4.81 -10.31
C ASP A 591 -18.80 3.48 -10.86
N ASP A 592 -19.60 2.42 -10.69
CA ASP A 592 -19.21 1.15 -11.27
C ASP A 592 -19.55 1.04 -12.75
N GLU A 593 -20.25 2.02 -13.34
CA GLU A 593 -20.55 1.94 -14.76
C GLU A 593 -19.39 2.46 -15.60
N LYS A 594 -18.80 3.60 -15.21
CA LYS A 594 -17.74 4.26 -15.98
C LYS A 594 -16.38 4.29 -15.31
N TRP A 595 -16.29 4.05 -14.01
CA TRP A 595 -15.00 4.12 -13.34
C TRP A 595 -14.68 2.83 -12.60
N LEU A 596 -15.25 1.71 -13.07
CA LEU A 596 -14.83 0.40 -12.58
C LEU A 596 -13.58 -0.03 -13.35
N ASN A 597 -12.50 0.70 -13.10
CA ASN A 597 -11.31 0.56 -13.91
C ASN A 597 -10.07 0.87 -13.09
N ARG A 598 -8.91 0.81 -13.73
CA ARG A 598 -7.62 1.00 -13.08
C ARG A 598 -6.83 2.01 -13.89
N THR A 599 -6.37 3.08 -13.23
CA THR A 599 -5.62 4.13 -13.92
C THR A 599 -4.21 3.64 -14.22
N LEU A 600 -3.79 3.73 -15.48
CA LEU A 600 -2.43 3.37 -15.89
C LEU A 600 -1.70 4.63 -16.30
N ALA A 601 -0.61 4.94 -15.61
CA ALA A 601 0.29 6.03 -15.97
C ALA A 601 1.61 5.48 -16.51
N SER A 602 2.03 5.98 -17.67
CA SER A 602 3.31 5.63 -18.27
C SER A 602 4.02 6.90 -18.71
N TRP A 603 5.27 6.75 -19.14
CA TRP A 603 6.10 7.87 -19.55
C TRP A 603 6.98 7.43 -20.70
N PRO A 604 6.39 7.13 -21.85
CA PRO A 604 7.18 6.53 -22.94
C PRO A 604 8.20 7.46 -23.55
N SER A 605 8.06 8.78 -23.46
CA SER A 605 8.98 9.70 -24.10
C SER A 605 9.76 10.54 -23.08
N THR A 606 11.04 10.75 -23.38
CA THR A 606 11.88 11.66 -22.60
C THR A 606 11.38 13.09 -22.67
N GLU A 607 10.75 13.48 -23.78
CA GLU A 607 10.29 14.85 -23.95
C GLU A 607 8.88 15.10 -23.43
N GLN A 608 8.23 14.11 -22.81
CA GLN A 608 6.98 14.35 -22.10
C GLN A 608 7.27 15.01 -20.78
N ASP A 609 6.43 15.96 -20.41
CA ASP A 609 6.44 16.58 -19.10
C ASP A 609 5.21 16.20 -18.29
N MET A 610 4.38 15.29 -18.81
CA MET A 610 3.20 14.78 -18.16
C MET A 610 3.08 13.31 -18.49
N PRO A 611 2.47 12.51 -17.62
CA PRO A 611 2.32 11.08 -17.92
C PRO A 611 1.31 10.84 -19.04
N THR A 612 1.49 9.71 -19.70
CA THR A 612 0.46 9.16 -20.57
C THR A 612 -0.50 8.35 -19.70
N ILE A 613 -1.79 8.60 -19.87
CA ILE A 613 -2.84 8.00 -19.04
C ILE A 613 -3.64 7.02 -19.88
N GLU A 614 -3.78 5.79 -19.37
CA GLU A 614 -4.64 4.77 -19.94
C GLU A 614 -5.42 4.12 -18.81
N TYR A 615 -6.34 3.22 -19.18
CA TYR A 615 -7.14 2.50 -18.19
C TYR A 615 -7.22 1.02 -18.54
N GLU A 616 -7.32 0.19 -17.50
CA GLU A 616 -7.81 -1.18 -17.65
C GLU A 616 -9.24 -1.21 -17.13
N GLU A 617 -10.18 -1.66 -17.96
CA GLU A 617 -11.53 -1.89 -17.46
C GLU A 617 -11.58 -3.21 -16.71
N LEU A 618 -12.22 -3.21 -15.53
CA LEU A 618 -12.40 -4.46 -14.81
C LEU A 618 -13.62 -5.20 -15.35
N ASP A 619 -13.52 -6.52 -15.41
CA ASP A 619 -14.53 -7.35 -16.06
C ASP A 619 -15.48 -7.88 -14.99
N VAL A 620 -16.65 -7.25 -14.87
CA VAL A 620 -17.65 -7.70 -13.92
C VAL A 620 -17.99 -9.16 -14.14
N MET A 621 -18.01 -9.61 -15.40
CA MET A 621 -18.47 -10.96 -15.66
C MET A 621 -17.50 -12.00 -15.13
N LYS A 622 -16.25 -11.59 -14.83
CA LYS A 622 -15.24 -12.47 -14.28
C LYS A 622 -15.02 -12.24 -12.80
N MET A 623 -15.85 -11.42 -12.15
CA MET A 623 -15.71 -11.14 -10.73
C MET A 623 -16.43 -12.21 -9.91
N GLU A 624 -15.78 -12.67 -8.86
CA GLU A 624 -16.45 -13.60 -7.96
C GLU A 624 -17.60 -12.92 -7.23
N ILE A 625 -17.47 -11.64 -6.92
CA ILE A 625 -18.53 -10.87 -6.30
C ILE A 625 -18.69 -9.58 -7.08
N SER A 626 -19.89 -9.35 -7.61
CA SER A 626 -20.18 -8.15 -8.36
C SER A 626 -20.15 -6.94 -7.42
N PRO A 627 -19.84 -5.75 -7.93
CA PRO A 627 -19.71 -4.58 -7.05
C PRO A 627 -21.05 -4.21 -6.44
N ASP A 628 -21.03 -3.91 -5.13
CA ASP A 628 -22.26 -3.66 -4.39
C ASP A 628 -21.96 -2.75 -3.20
N PHE A 629 -22.77 -2.86 -2.15
CA PHE A 629 -22.61 -2.00 -0.98
C PHE A 629 -21.53 -2.54 -0.04
N ARG A 630 -20.67 -1.62 0.44
CA ARG A 630 -19.48 -1.97 1.21
C ARG A 630 -19.78 -2.46 2.62
N GLY A 631 -20.91 -2.05 3.21
CA GLY A 631 -21.20 -2.44 4.59
C GLY A 631 -20.88 -1.38 5.61
N TYR A 632 -20.29 -0.26 5.20
CA TYR A 632 -19.88 0.86 6.03
C TYR A 632 -19.66 2.03 5.08
N GLY A 633 -19.58 3.22 5.64
CA GLY A 633 -19.58 4.39 4.80
C GLY A 633 -20.96 4.67 4.22
N LYS A 634 -20.96 5.60 3.27
CA LYS A 634 -22.19 6.12 2.71
C LYS A 634 -23.05 5.02 2.10
N LYS A 635 -24.35 5.08 2.40
CA LYS A 635 -25.30 4.08 1.92
C LYS A 635 -25.92 4.52 0.61
N GLY A 636 -26.18 3.55 -0.28
CA GLY A 636 -26.71 3.85 -1.61
C GLY A 636 -25.82 4.79 -2.41
N ASN A 637 -24.51 4.59 -2.35
CA ASN A 637 -23.57 5.55 -2.89
C ASN A 637 -22.85 5.01 -4.12
N PHE A 638 -23.47 4.08 -4.84
CA PHE A 638 -22.83 3.55 -6.04
C PHE A 638 -23.78 3.53 -7.23
N ILE A 639 -23.21 3.89 -8.38
CA ILE A 639 -23.83 3.75 -9.68
C ILE A 639 -23.56 2.32 -10.13
N PRO A 640 -24.58 1.51 -10.38
CA PRO A 640 -24.35 0.08 -10.64
C PRO A 640 -23.78 -0.16 -12.03
N HIS A 641 -22.88 -1.13 -12.12
CA HIS A 641 -22.39 -1.54 -13.44
C HIS A 641 -23.55 -2.11 -14.26
N PRO A 642 -23.63 -1.78 -15.55
CA PRO A 642 -24.77 -2.23 -16.38
C PRO A 642 -25.01 -3.74 -16.35
N LYS A 643 -23.95 -4.54 -16.24
CA LYS A 643 -24.06 -5.98 -16.24
C LYS A 643 -24.23 -6.57 -14.84
N LYS A 644 -24.39 -5.75 -13.81
CA LYS A 644 -24.39 -6.29 -12.45
C LYS A 644 -25.47 -7.34 -12.26
N GLU A 645 -26.69 -7.06 -12.70
CA GLU A 645 -27.80 -7.98 -12.45
C GLU A 645 -27.61 -9.29 -13.20
N GLU A 646 -27.11 -9.23 -14.43
CA GLU A 646 -26.83 -10.43 -15.19
C GLU A 646 -25.75 -11.28 -14.53
N ARG A 647 -24.73 -10.64 -13.94
CA ARG A 647 -23.69 -11.41 -13.26
C ARG A 647 -24.22 -11.99 -11.96
N ASP A 648 -25.02 -11.23 -11.23
CA ASP A 648 -25.57 -11.71 -9.96
C ASP A 648 -26.47 -12.91 -10.17
N ALA A 649 -27.33 -12.90 -11.18
CA ALA A 649 -28.18 -14.06 -11.43
C ALA A 649 -27.33 -15.25 -11.83
N GLU A 650 -26.23 -15.00 -12.54
CA GLU A 650 -25.33 -16.07 -12.92
C GLU A 650 -24.62 -16.63 -11.69
N ILE A 651 -24.16 -15.75 -10.79
CA ILE A 651 -23.55 -16.19 -9.53
C ILE A 651 -24.53 -17.00 -8.71
N LEU A 652 -25.77 -16.52 -8.59
CA LEU A 652 -26.74 -17.20 -7.74
C LEU A 652 -27.09 -18.58 -8.28
N LYS A 653 -27.35 -18.67 -9.59
CA LYS A 653 -27.65 -19.97 -10.20
C LYS A 653 -26.49 -20.93 -10.01
N THR A 654 -25.25 -20.42 -10.09
CA THR A 654 -24.09 -21.28 -9.92
C THR A 654 -24.03 -21.86 -8.52
N ILE A 655 -24.22 -21.01 -7.50
CA ILE A 655 -24.18 -21.49 -6.12
C ILE A 655 -25.26 -22.54 -5.87
N LEU A 656 -26.49 -22.25 -6.31
CA LEU A 656 -27.60 -23.17 -6.06
C LEU A 656 -27.39 -24.51 -6.74
N GLU A 657 -27.02 -24.49 -8.02
CA GLU A 657 -26.85 -25.74 -8.78
C GLU A 657 -25.79 -26.62 -8.15
N LEU A 658 -24.62 -26.04 -7.88
CA LEU A 658 -23.50 -26.85 -7.41
C LEU A 658 -23.70 -27.29 -5.98
N GLU A 659 -24.30 -26.45 -5.13
CA GLU A 659 -24.52 -26.89 -3.76
C GLU A 659 -25.58 -27.98 -3.68
N LYS A 660 -26.58 -27.95 -4.57
CA LYS A 660 -27.54 -29.07 -4.59
C LYS A 660 -26.87 -30.36 -5.04
N LEU A 661 -25.86 -30.26 -5.89
CA LEU A 661 -25.06 -31.39 -6.33
C LEU A 661 -23.99 -31.80 -5.32
N GLY A 662 -23.92 -31.15 -4.16
CA GLY A 662 -22.97 -31.54 -3.13
C GLY A 662 -21.58 -30.93 -3.23
N LYS A 663 -21.37 -29.92 -4.06
CA LYS A 663 -20.04 -29.35 -4.23
C LYS A 663 -19.60 -28.54 -3.00
N ASP A 664 -18.31 -28.57 -2.71
CA ASP A 664 -17.77 -27.88 -1.55
C ASP A 664 -17.36 -26.44 -1.93
N ARG A 665 -16.88 -25.68 -0.94
CA ARG A 665 -16.59 -24.26 -1.15
C ARG A 665 -15.49 -24.05 -2.19
N ILE A 666 -14.56 -25.00 -2.31
CA ILE A 666 -13.49 -24.87 -3.28
C ILE A 666 -14.02 -25.03 -4.71
N GLU A 667 -14.90 -26.02 -4.90
CA GLU A 667 -15.47 -26.25 -6.23
C GLU A 667 -16.39 -25.10 -6.63
N VAL A 668 -17.15 -24.55 -5.68
CA VAL A 668 -18.05 -23.45 -6.02
C VAL A 668 -17.26 -22.20 -6.33
N GLN A 669 -16.25 -21.89 -5.52
CA GLN A 669 -15.35 -20.78 -5.82
C GLN A 669 -14.78 -20.90 -7.23
N HIS A 670 -14.31 -22.10 -7.57
CA HIS A 670 -13.66 -22.30 -8.86
C HIS A 670 -14.64 -22.09 -10.01
N ALA A 671 -15.90 -22.49 -9.83
CA ALA A 671 -16.89 -22.25 -10.86
C ALA A 671 -17.20 -20.77 -10.99
N LEU A 672 -17.20 -20.03 -9.88
CA LEU A 672 -17.53 -18.62 -9.95
C LEU A 672 -16.40 -17.83 -10.61
N MET A 673 -15.14 -18.15 -10.29
CA MET A 673 -14.00 -17.35 -10.75
C MET A 673 -12.70 -18.15 -10.63
N PRO A 674 -12.31 -18.88 -11.67
CA PRO A 674 -11.00 -19.52 -11.63
C PRO A 674 -9.92 -18.47 -11.34
N PHE A 675 -8.91 -18.89 -10.58
CA PHE A 675 -7.71 -18.08 -10.34
C PHE A 675 -6.50 -19.00 -10.32
N GLU A 676 -5.34 -18.43 -10.62
CA GLU A 676 -4.10 -19.19 -10.79
C GLU A 676 -3.15 -18.93 -9.64
N LEU A 677 -2.65 -20.02 -9.06
CA LEU A 677 -1.73 -19.96 -7.95
C LEU A 677 -0.96 -21.27 -7.92
N GLN A 678 0.33 -21.20 -7.56
CA GLN A 678 1.15 -22.40 -7.49
C GLN A 678 0.48 -23.47 -6.63
N GLU A 679 0.67 -24.73 -7.03
CA GLU A 679 0.03 -25.85 -6.34
C GLU A 679 0.25 -25.80 -4.84
N LYS A 680 1.49 -25.56 -4.41
CA LYS A 680 1.79 -25.64 -2.99
C LYS A 680 1.12 -24.51 -2.20
N TYR A 681 0.74 -23.43 -2.87
CA TYR A 681 0.05 -22.35 -2.17
C TYR A 681 -1.46 -22.41 -2.28
N LYS A 682 -1.98 -23.03 -3.36
CA LYS A 682 -3.42 -23.25 -3.54
C LYS A 682 -3.92 -24.44 -2.74
N ALA A 683 -3.02 -25.27 -2.20
CA ALA A 683 -3.43 -26.41 -1.41
C ALA A 683 -4.38 -25.98 -0.29
N ARG A 684 -5.29 -26.88 0.05
CA ARG A 684 -6.33 -26.58 1.03
C ARG A 684 -5.72 -26.24 2.38
N ASN A 685 -6.14 -25.11 2.94
CA ASN A 685 -5.73 -24.71 4.28
C ASN A 685 -6.62 -25.44 5.28
N MET A 686 -6.01 -26.32 6.07
CA MET A 686 -6.75 -26.99 7.12
C MET A 686 -6.88 -26.07 8.32
N ARG A 687 -8.01 -26.18 9.02
CA ARG A 687 -8.31 -25.34 10.17
C ARG A 687 -8.71 -26.23 11.34
N LEU A 688 -8.38 -25.76 12.55
CA LEU A 688 -8.63 -26.54 13.75
C LEU A 688 -10.07 -27.01 13.81
N GLU A 689 -11.02 -26.12 13.53
CA GLU A 689 -12.44 -26.43 13.68
C GLU A 689 -13.08 -26.93 12.39
N ASP A 690 -12.29 -27.49 11.46
CA ASP A 690 -12.85 -28.03 10.22
C ASP A 690 -13.92 -29.09 10.50
N GLU A 691 -13.62 -30.05 11.39
CA GLU A 691 -14.59 -31.08 11.71
C GLU A 691 -15.82 -30.49 12.40
N GLU A 692 -15.62 -29.48 13.25
CA GLU A 692 -16.76 -28.87 13.95
C GLU A 692 -17.61 -28.01 13.04
N VAL A 693 -17.02 -27.41 12.00
CA VAL A 693 -17.80 -26.63 11.04
C VAL A 693 -18.58 -27.56 10.12
N ARG A 694 -17.94 -28.63 9.64
CA ARG A 694 -18.63 -29.57 8.77
C ARG A 694 -19.68 -30.38 9.52
N ALA A 695 -19.49 -30.59 10.83
CA ALA A 695 -20.48 -31.33 11.61
C ALA A 695 -21.75 -30.51 11.82
N ARG A 696 -21.60 -29.20 12.04
CA ARG A 696 -22.72 -28.28 12.07
C ARG A 696 -23.18 -27.86 10.68
N GLY A 697 -22.59 -28.45 9.64
CA GLY A 697 -22.99 -28.20 8.27
C GLY A 697 -22.90 -26.75 7.84
N GLU A 698 -21.78 -26.10 8.17
CA GLU A 698 -21.57 -24.69 7.88
C GLU A 698 -20.29 -24.47 7.08
N HIS A 699 -19.82 -25.52 6.41
CA HIS A 699 -18.60 -25.54 5.62
C HIS A 699 -18.82 -25.15 4.17
N LEU A 700 -20.05 -24.82 3.81
CA LEU A 700 -20.41 -24.55 2.42
C LEU A 700 -20.05 -23.12 2.04
N TYR A 701 -19.85 -22.91 0.73
CA TYR A 701 -19.56 -21.58 0.21
C TYR A 701 -20.63 -20.57 0.61
N SER A 702 -21.90 -20.98 0.58
CA SER A 702 -23.01 -20.07 0.89
C SER A 702 -23.07 -19.69 2.36
N PHE A 703 -22.34 -20.37 3.25
CA PHE A 703 -22.39 -19.96 4.65
C PHE A 703 -21.67 -18.65 4.89
N ASN A 704 -20.58 -18.40 4.16
CA ASN A 704 -19.81 -17.17 4.36
C ASN A 704 -20.10 -16.11 3.31
N VAL A 705 -20.45 -16.52 2.10
CA VAL A 705 -20.79 -15.61 1.02
C VAL A 705 -22.28 -15.77 0.74
N HIS A 706 -23.11 -14.92 1.36
CA HIS A 706 -24.54 -15.18 1.38
C HIS A 706 -25.41 -13.95 1.11
N ASP A 707 -24.85 -12.80 0.74
CA ASP A 707 -25.68 -11.63 0.48
C ASP A 707 -26.65 -11.89 -0.66
N LEU A 708 -26.16 -12.47 -1.77
CA LEU A 708 -27.01 -12.79 -2.90
C LEU A 708 -28.06 -13.82 -2.54
N LEU A 709 -27.69 -14.80 -1.70
CA LEU A 709 -28.64 -15.84 -1.35
C LEU A 709 -29.73 -15.34 -0.41
N ASP A 710 -29.44 -14.30 0.39
CA ASP A 710 -30.46 -13.78 1.27
C ASP A 710 -31.61 -13.14 0.48
N GLN A 711 -31.28 -12.39 -0.57
CA GLN A 711 -32.33 -11.82 -1.42
C GLN A 711 -33.08 -12.89 -2.20
N HIS A 712 -32.43 -14.02 -2.50
CA HIS A 712 -33.15 -15.10 -3.16
C HIS A 712 -34.11 -15.78 -2.19
N ASN A 713 -33.63 -16.13 -0.99
CA ASN A 713 -34.48 -16.80 -0.02
C ASN A 713 -35.53 -15.86 0.58
N ALA A 714 -35.37 -14.56 0.40
CA ALA A 714 -36.43 -13.63 0.78
C ALA A 714 -37.65 -13.81 -0.11
N ASN A 715 -37.44 -14.14 -1.38
CA ASN A 715 -38.54 -14.37 -2.30
C ASN A 715 -38.86 -15.85 -2.44
#